data_3P57
#
_entry.id   3P57
#
_cell.length_a   74.846
_cell.length_b   90.926
_cell.length_c   144.802
_cell.angle_alpha   90.00
_cell.angle_beta   90.00
_cell.angle_gamma   90.00
#
_symmetry.space_group_name_H-M   'P 21 21 21'
#
loop_
_entity.id
_entity.type
_entity.pdbx_description
1 polymer 'Myocyte-specific enhancer factor 2A'
2 polymer "DNA (5'-D(*A*AP*AP*CP*TP*AP*TP*TP*TP*AP*TP*AP*AP*GP*A)-3')"
3 polymer "DNA (5'-D(*TP*TP*CP*TP*TP*AP*TP*AP*AP*AP*TP*AP*GP*TP*T)-3')"
4 polymer 'Histone acetyltransferase p300'
5 non-polymer 'ZINC ION'
6 water water
#
loop_
_entity_poly.entity_id
_entity_poly.type
_entity_poly.pdbx_seq_one_letter_code
_entity_poly.pdbx_strand_id
1 'polypeptide(L)'
;GRKKIQITRIMDERNRQVTFTKRKFGLMKKAYELSVLCDCEIALIIFNSSNKLFQYASTDMDKVLLKYTEYNEPHESRTN
SDIVEALNKK
;
A,B,C,D,I,J
2 'polydeoxyribonucleotide' (DA)(DA)(DA)(DC)(DT)(DA)(DT)(DT)(DT)(DA)(DT)(DA)(DA)(DG)(DA) E,G,K
3 'polydeoxyribonucleotide' (DT)(DT)(DC)(DT)(DT)(DA)(DT)(DA)(DA)(DA)(DT)(DA)(DG)(DT)(DT) F,H,L
4 'polypeptide(L)'
;HMSPGDSRRLSIQRCIQSLVHACQCRNANCSLPSCQKMKRVVQHTKGCKRKTNGGCPICKQLIALCCYHAKHCQENKCPV
PFCLNIKQKLRQQQLQHRLQQAQMLRRRMASM
;
P
#
# COMPACT_ATOMS: atom_id res chain seq x y z
N GLY A 1 -30.75 39.50 0.47
CA GLY A 1 -30.37 40.38 1.56
C GLY A 1 -30.46 41.82 1.11
N ARG A 2 -30.30 42.77 2.04
CA ARG A 2 -30.40 44.18 1.69
C ARG A 2 -29.37 44.47 0.63
N LYS A 3 -28.26 43.73 0.67
CA LYS A 3 -27.22 43.89 -0.34
C LYS A 3 -26.65 42.55 -0.77
N LYS A 4 -26.25 42.43 -2.03
CA LYS A 4 -25.61 41.20 -2.42
C LYS A 4 -24.24 41.09 -1.77
N ILE A 5 -23.85 39.89 -1.35
CA ILE A 5 -22.50 39.68 -0.87
C ILE A 5 -21.78 38.71 -1.78
N GLN A 6 -20.45 38.83 -1.83
CA GLN A 6 -19.66 37.90 -2.61
C GLN A 6 -19.22 36.74 -1.69
N ILE A 7 -18.95 35.58 -2.27
CA ILE A 7 -18.56 34.44 -1.47
C ILE A 7 -17.04 34.48 -1.26
N THR A 8 -16.64 35.17 -0.19
CA THR A 8 -15.25 35.34 0.20
C THR A 8 -15.30 35.51 1.71
N ARG A 9 -14.22 35.20 2.40
CA ARG A 9 -14.26 35.14 3.87
C ARG A 9 -14.76 36.42 4.50
N ILE A 10 -15.69 36.30 5.44
CA ILE A 10 -16.17 37.45 6.18
C ILE A 10 -15.15 37.86 7.25
N MET A 11 -14.71 39.11 7.19
CA MET A 11 -13.59 39.53 8.01
C MET A 11 -13.98 40.08 9.37
N ASP A 12 -15.16 40.71 9.47
CA ASP A 12 -15.68 41.15 10.75
C ASP A 12 -16.12 39.97 11.64
N GLU A 13 -15.46 39.81 12.78
CA GLU A 13 -15.69 38.65 13.66
C GLU A 13 -17.15 38.49 14.11
N ARG A 14 -17.76 39.56 14.56
CA ARG A 14 -19.14 39.51 15.03
C ARG A 14 -20.05 39.06 13.88
N ASN A 15 -19.91 39.75 12.76
CA ASN A 15 -20.74 39.51 11.60
C ASN A 15 -20.55 38.06 11.16
N ARG A 16 -19.32 37.58 11.19
CA ARG A 16 -19.08 36.23 10.74
C ARG A 16 -19.84 35.22 11.59
N GLN A 17 -19.87 35.43 12.89
CA GLN A 17 -20.58 34.56 13.81
C GLN A 17 -22.10 34.54 13.59
N VAL A 18 -22.67 35.73 13.44
CA VAL A 18 -24.11 35.87 13.22
C VAL A 18 -24.45 35.10 11.95
N THR A 19 -23.64 35.30 10.92
CA THR A 19 -23.82 34.64 9.64
C THR A 19 -23.71 33.11 9.72
N PHE A 20 -22.77 32.60 10.52
CA PHE A 20 -22.53 31.17 10.63
C PHE A 20 -23.81 30.54 11.15
N THR A 21 -24.32 31.10 12.24
CA THR A 21 -25.41 30.50 12.97
C THR A 21 -26.67 30.51 12.10
N LYS A 22 -26.95 31.65 11.48
CA LYS A 22 -28.10 31.79 10.60
C LYS A 22 -28.01 30.88 9.39
N ARG A 23 -26.89 30.92 8.67
CA ARG A 23 -26.75 30.06 7.50
C ARG A 23 -26.62 28.57 7.81
N LYS A 24 -26.11 28.23 8.99
CA LYS A 24 -26.02 26.84 9.41
C LYS A 24 -27.43 26.26 9.62
N PHE A 25 -28.29 27.01 10.31
CA PHE A 25 -29.66 26.56 10.43
C PHE A 25 -30.33 26.41 9.06
N GLY A 26 -30.11 27.38 8.17
CA GLY A 26 -30.70 27.33 6.84
C GLY A 26 -30.24 26.11 6.08
N LEU A 27 -28.95 25.76 6.22
CA LEU A 27 -28.43 24.53 5.61
C LEU A 27 -29.13 23.29 6.17
N MET A 28 -29.22 23.18 7.48
CA MET A 28 -29.88 22.02 8.08
C MET A 28 -31.35 21.95 7.67
N LYS A 29 -31.99 23.10 7.53
CA LYS A 29 -33.39 23.08 7.12
C LYS A 29 -33.53 22.51 5.71
N LYS A 30 -32.72 23.00 4.78
CA LYS A 30 -32.69 22.44 3.41
C LYS A 30 -32.39 20.94 3.38
N ALA A 31 -31.51 20.47 4.26
CA ALA A 31 -31.15 19.06 4.30
C ALA A 31 -32.35 18.25 4.82
N TYR A 32 -32.95 18.70 5.91
CA TYR A 32 -34.19 18.09 6.36
C TYR A 32 -35.23 17.96 5.20
N GLU A 33 -35.51 19.06 4.50
CA GLU A 33 -36.49 19.05 3.40
C GLU A 33 -36.12 18.08 2.29
N LEU A 34 -34.84 18.07 1.92
CA LEU A 34 -34.40 17.13 0.91
C LEU A 34 -34.64 15.69 1.37
N SER A 35 -34.34 15.41 2.64
CA SER A 35 -34.49 14.04 3.11
C SER A 35 -35.96 13.60 3.09
N VAL A 36 -36.89 14.50 3.40
CA VAL A 36 -38.29 14.12 3.41
C VAL A 36 -38.85 14.10 1.99
N LEU A 37 -38.57 15.15 1.22
CA LEU A 37 -39.11 15.24 -0.15
C LEU A 37 -38.71 14.05 -1.01
N CYS A 38 -37.46 13.63 -0.89
CA CYS A 38 -36.93 12.70 -1.86
C CYS A 38 -36.54 11.37 -1.25
N ASP A 39 -36.98 11.14 -0.01
CA ASP A 39 -36.75 9.88 0.69
C ASP A 39 -35.25 9.53 0.65
N CYS A 40 -34.39 10.40 1.14
CA CYS A 40 -33.00 10.03 1.20
C CYS A 40 -32.40 10.21 2.59
N GLU A 41 -31.14 9.82 2.75
CA GLU A 41 -30.48 9.88 4.03
C GLU A 41 -29.34 10.85 3.89
N ILE A 42 -29.17 11.70 4.89
CA ILE A 42 -28.23 12.78 4.81
C ILE A 42 -27.56 12.89 6.14
N ALA A 43 -26.25 13.13 6.11
CA ALA A 43 -25.50 13.42 7.31
C ALA A 43 -24.72 14.68 6.98
N LEU A 44 -24.71 15.63 7.90
CA LEU A 44 -23.97 16.84 7.68
C LEU A 44 -23.10 17.13 8.88
N ILE A 45 -21.80 17.33 8.63
CA ILE A 45 -20.87 17.64 9.70
C ILE A 45 -20.15 18.97 9.48
N ILE A 46 -20.21 19.85 10.48
CA ILE A 46 -19.63 21.17 10.35
C ILE A 46 -18.73 21.47 11.53
N PHE A 47 -17.49 21.84 11.23
CA PHE A 47 -16.58 22.36 12.23
C PHE A 47 -16.38 23.84 11.97
N ASN A 48 -16.67 24.68 12.96
CA ASN A 48 -16.47 26.12 12.78
C ASN A 48 -14.99 26.48 12.91
N SER A 49 -14.68 27.78 12.81
CA SER A 49 -13.26 28.19 12.77
C SER A 49 -12.55 27.95 14.10
N SER A 50 -13.31 27.82 15.19
CA SER A 50 -12.75 27.46 16.50
C SER A 50 -12.70 25.94 16.73
N ASN A 51 -13.00 25.17 15.69
CA ASN A 51 -13.05 23.72 15.79
C ASN A 51 -14.14 23.18 16.73
N LYS A 52 -15.24 23.93 16.84
CA LYS A 52 -16.40 23.39 17.54
C LYS A 52 -17.24 22.64 16.51
N LEU A 53 -17.82 21.52 16.93
CA LEU A 53 -18.59 20.64 16.06
C LEU A 53 -20.09 20.93 16.07
N PHE A 54 -20.71 20.88 14.90
CA PHE A 54 -22.17 20.98 14.78
C PHE A 54 -22.60 19.89 13.79
N GLN A 55 -23.72 19.22 14.03
CA GLN A 55 -24.04 18.07 13.17
C GLN A 55 -25.54 17.90 12.99
N TYR A 56 -25.90 17.26 11.90
CA TYR A 56 -27.27 16.97 11.56
C TYR A 56 -27.25 15.68 10.80
N ALA A 57 -28.26 14.85 11.03
CA ALA A 57 -28.46 13.66 10.22
C ALA A 57 -29.96 13.30 10.24
N SER A 58 -30.44 12.80 9.10
CA SER A 58 -31.84 12.46 8.96
C SER A 58 -32.11 11.11 9.59
N THR A 59 -31.05 10.37 9.89
CA THR A 59 -31.13 9.12 10.64
C THR A 59 -29.86 8.96 11.45
N ASP A 60 -29.70 7.85 12.16
CA ASP A 60 -28.53 7.66 13.00
C ASP A 60 -27.26 7.99 12.23
N MET A 61 -26.52 8.97 12.73
CA MET A 61 -25.27 9.43 12.11
C MET A 61 -24.33 8.28 11.81
N ASP A 62 -24.11 7.44 12.82
CA ASP A 62 -23.10 6.41 12.71
C ASP A 62 -23.40 5.44 11.59
N LYS A 63 -24.69 5.16 11.38
CA LYS A 63 -25.11 4.25 10.29
C LYS A 63 -24.83 4.86 8.91
N VAL A 64 -25.17 6.12 8.72
CA VAL A 64 -24.84 6.77 7.45
C VAL A 64 -23.33 6.77 7.22
N LEU A 65 -22.54 7.02 8.26
CA LEU A 65 -21.09 7.14 8.07
C LEU A 65 -20.47 5.76 7.76
N LEU A 66 -20.93 4.73 8.47
CA LEU A 66 -20.52 3.37 8.17
C LEU A 66 -20.90 3.00 6.73
N LYS A 67 -22.12 3.34 6.31
CA LYS A 67 -22.54 3.09 4.92
C LYS A 67 -21.60 3.80 3.92
N TYR A 68 -21.11 4.97 4.29
CA TYR A 68 -20.16 5.66 3.43
C TYR A 68 -18.87 4.86 3.32
N THR A 69 -18.32 4.41 4.45
CA THR A 69 -17.05 3.71 4.42
C THR A 69 -17.16 2.41 3.65
N GLU A 70 -18.35 1.83 3.61
CA GLU A 70 -18.57 0.54 2.95
C GLU A 70 -18.87 0.70 1.46
N TYR A 71 -19.07 1.94 1.02
CA TYR A 71 -19.37 2.19 -0.39
C TYR A 71 -18.13 2.00 -1.27
N ASN A 72 -18.31 1.33 -2.39
CA ASN A 72 -17.19 1.01 -3.26
C ASN A 72 -17.56 1.06 -4.74
N GLU A 73 -17.93 2.25 -5.19
CA GLU A 73 -18.23 2.52 -6.58
C GLU A 73 -17.88 3.98 -6.78
N PRO A 74 -17.47 4.38 -8.00
CA PRO A 74 -17.26 5.80 -8.24
C PRO A 74 -18.55 6.57 -7.98
N HIS A 75 -18.46 7.85 -7.62
CA HIS A 75 -19.65 8.61 -7.30
C HIS A 75 -19.33 10.08 -7.23
N GLU A 76 -20.33 10.93 -7.38
CA GLU A 76 -20.15 12.39 -7.29
C GLU A 76 -19.45 12.76 -5.98
N SER A 77 -18.30 13.42 -6.09
CA SER A 77 -17.53 13.86 -4.94
C SER A 77 -17.05 15.27 -5.17
N ARG A 78 -17.76 16.24 -4.60
CA ARG A 78 -17.41 17.62 -4.85
C ARG A 78 -16.61 18.17 -3.70
N THR A 79 -15.80 19.17 -4.03
CA THR A 79 -14.96 19.90 -3.08
C THR A 79 -15.14 21.38 -3.37
N ASN A 80 -14.60 22.23 -2.51
CA ASN A 80 -14.73 23.66 -2.76
C ASN A 80 -14.20 24.10 -4.13
N SER A 81 -13.07 23.57 -4.55
CA SER A 81 -12.56 23.88 -5.89
C SER A 81 -13.56 23.46 -6.97
N ASP A 82 -14.03 22.23 -6.89
CA ASP A 82 -14.93 21.69 -7.90
C ASP A 82 -16.16 22.58 -8.11
N ILE A 83 -16.78 23.00 -7.01
CA ILE A 83 -18.03 23.73 -7.08
C ILE A 83 -17.84 25.13 -7.64
N VAL A 84 -16.67 25.68 -7.39
CA VAL A 84 -16.31 26.95 -8.00
C VAL A 84 -16.38 26.88 -9.53
N GLU A 85 -15.63 25.95 -10.11
CA GLU A 85 -15.64 25.75 -11.56
C GLU A 85 -17.06 25.59 -12.10
N ALA A 86 -17.86 24.77 -11.41
CA ALA A 86 -19.24 24.50 -11.83
C ALA A 86 -20.09 25.76 -11.97
N LEU A 87 -20.01 26.64 -10.98
CA LEU A 87 -20.77 27.89 -11.01
C LEU A 87 -20.28 28.84 -12.10
N ASN A 88 -18.98 28.82 -12.36
CA ASN A 88 -18.36 29.68 -13.38
C ASN A 88 -18.86 29.40 -14.80
N LYS A 89 -19.17 28.14 -15.09
CA LYS A 89 -19.76 27.79 -16.37
C LYS A 89 -21.21 28.31 -16.44
N LYS A 90 -22.01 27.99 -15.42
CA LYS A 90 -23.38 28.47 -15.36
C LYS A 90 -23.42 29.99 -15.27
N GLY B 1 -40.89 28.79 -5.94
CA GLY B 1 -41.42 27.97 -7.02
C GLY B 1 -42.73 28.54 -7.52
N ARG B 2 -43.25 28.04 -8.64
CA ARG B 2 -44.54 28.52 -9.17
C ARG B 2 -45.62 28.37 -8.10
N LYS B 3 -45.39 27.44 -7.18
CA LYS B 3 -46.37 27.08 -6.16
C LYS B 3 -45.67 26.59 -4.88
N LYS B 4 -46.27 26.87 -3.72
CA LYS B 4 -45.70 26.36 -2.46
C LYS B 4 -45.93 24.87 -2.33
N ILE B 5 -44.97 24.15 -1.75
CA ILE B 5 -45.20 22.73 -1.53
C ILE B 5 -45.14 22.38 -0.05
N GLN B 6 -45.78 21.28 0.30
CA GLN B 6 -45.65 20.72 1.61
C GLN B 6 -44.42 19.80 1.63
N ILE B 7 -43.75 19.78 2.76
CA ILE B 7 -42.63 18.87 2.95
C ILE B 7 -43.17 17.48 3.29
N THR B 8 -43.49 16.73 2.24
CA THR B 8 -43.95 15.37 2.35
C THR B 8 -43.33 14.66 1.17
N ARG B 9 -43.16 13.36 1.29
CA ARG B 9 -42.48 12.59 0.26
C ARG B 9 -43.15 12.79 -1.10
N ILE B 10 -42.34 13.05 -2.12
CA ILE B 10 -42.82 13.12 -3.49
C ILE B 10 -42.99 11.70 -4.06
N MET B 11 -44.22 11.34 -4.42
CA MET B 11 -44.52 9.97 -4.83
C MET B 11 -44.26 9.71 -6.31
N ASP B 12 -44.53 10.70 -7.16
CA ASP B 12 -44.21 10.60 -8.60
C ASP B 12 -42.70 10.53 -8.86
N GLU B 13 -42.26 9.43 -9.48
CA GLU B 13 -40.82 9.14 -9.63
C GLU B 13 -40.05 10.21 -10.43
N ARG B 14 -40.62 10.67 -11.54
CA ARG B 14 -39.95 11.68 -12.35
C ARG B 14 -39.73 12.95 -11.51
N ASN B 15 -40.79 13.43 -10.90
CA ASN B 15 -40.73 14.63 -10.07
C ASN B 15 -39.77 14.47 -8.88
N ARG B 16 -39.85 13.33 -8.21
CA ARG B 16 -38.94 13.06 -7.11
C ARG B 16 -37.48 13.13 -7.59
N GLN B 17 -37.19 12.55 -8.74
CA GLN B 17 -35.81 12.47 -9.21
C GLN B 17 -35.27 13.82 -9.68
N VAL B 18 -36.08 14.58 -10.41
CA VAL B 18 -35.72 15.93 -10.83
C VAL B 18 -35.52 16.84 -9.60
N THR B 19 -36.40 16.70 -8.61
CA THR B 19 -36.34 17.54 -7.42
C THR B 19 -35.05 17.24 -6.61
N PHE B 20 -34.73 15.95 -6.52
CA PHE B 20 -33.52 15.47 -5.85
C PHE B 20 -32.27 16.15 -6.43
N THR B 21 -32.08 16.02 -7.73
CA THR B 21 -30.88 16.50 -8.39
C THR B 21 -30.74 18.01 -8.16
N LYS B 22 -31.84 18.72 -8.38
CA LYS B 22 -31.87 20.15 -8.22
C LYS B 22 -31.55 20.58 -6.78
N ARG B 23 -32.29 20.04 -5.81
CA ARG B 23 -32.09 20.44 -4.44
C ARG B 23 -30.76 19.96 -3.85
N LYS B 24 -30.26 18.84 -4.34
CA LYS B 24 -28.95 18.32 -3.91
C LYS B 24 -27.88 19.35 -4.29
N PHE B 25 -27.92 19.82 -5.53
CA PHE B 25 -27.00 20.88 -5.96
C PHE B 25 -27.13 22.14 -5.09
N GLY B 26 -28.35 22.59 -4.87
CA GLY B 26 -28.61 23.73 -4.01
C GLY B 26 -28.07 23.61 -2.59
N LEU B 27 -28.15 22.41 -2.03
CA LEU B 27 -27.62 22.14 -0.70
C LEU B 27 -26.06 22.20 -0.73
N MET B 28 -25.45 21.55 -1.71
CA MET B 28 -23.99 21.62 -1.89
C MET B 28 -23.53 23.07 -2.09
N LYS B 29 -24.33 23.85 -2.83
CA LYS B 29 -23.99 25.24 -3.07
C LYS B 29 -23.95 25.98 -1.76
N LYS B 30 -24.99 25.82 -0.95
CA LYS B 30 -25.03 26.52 0.35
C LYS B 30 -23.94 26.05 1.33
N ALA B 31 -23.58 24.77 1.24
CA ALA B 31 -22.54 24.24 2.10
C ALA B 31 -21.23 24.90 1.70
N TYR B 32 -20.96 24.93 0.40
CA TYR B 32 -19.80 25.64 -0.11
C TYR B 32 -19.73 27.05 0.46
N GLU B 33 -20.79 27.84 0.24
CA GLU B 33 -20.89 29.22 0.71
C GLU B 33 -20.65 29.37 2.21
N LEU B 34 -21.21 28.47 3.01
CA LEU B 34 -21.02 28.50 4.45
C LEU B 34 -19.55 28.27 4.80
N SER B 35 -18.88 27.35 4.09
CA SER B 35 -17.49 27.06 4.43
C SER B 35 -16.54 28.19 4.01
N VAL B 36 -16.85 28.89 2.91
CA VAL B 36 -16.04 30.03 2.51
C VAL B 36 -16.33 31.29 3.34
N LEU B 37 -17.61 31.65 3.48
CA LEU B 37 -17.98 32.87 4.20
C LEU B 37 -17.51 32.83 5.63
N CYS B 38 -17.61 31.67 6.26
CA CYS B 38 -17.38 31.57 7.68
C CYS B 38 -16.18 30.71 8.05
N ASP B 39 -15.35 30.37 7.07
CA ASP B 39 -14.11 29.65 7.33
C ASP B 39 -14.28 28.37 8.15
N CYS B 40 -15.20 27.49 7.74
CA CYS B 40 -15.35 26.23 8.46
C CYS B 40 -15.18 25.04 7.54
N GLU B 41 -15.02 23.86 8.13
CA GLU B 41 -14.87 22.66 7.35
C GLU B 41 -16.19 21.90 7.42
N ILE B 42 -16.61 21.35 6.29
CA ILE B 42 -17.92 20.74 6.21
C ILE B 42 -17.86 19.43 5.44
N ALA B 43 -18.54 18.41 5.95
CA ALA B 43 -18.73 17.14 5.23
C ALA B 43 -20.23 16.90 5.06
N LEU B 44 -20.64 16.51 3.87
CA LEU B 44 -22.04 16.32 3.57
C LEU B 44 -22.13 15.02 2.80
N ILE B 45 -22.88 14.07 3.36
CA ILE B 45 -23.08 12.76 2.74
C ILE B 45 -24.55 12.53 2.47
N ILE B 46 -24.88 12.17 1.23
CA ILE B 46 -26.25 11.94 0.84
C ILE B 46 -26.42 10.58 0.17
N PHE B 47 -27.32 9.74 0.68
CA PHE B 47 -27.76 8.56 -0.03
C PHE B 47 -29.18 8.73 -0.56
N ASN B 48 -29.36 8.60 -1.89
CA ASN B 48 -30.69 8.76 -2.48
C ASN B 48 -31.58 7.54 -2.19
N SER B 49 -32.79 7.50 -2.74
CA SER B 49 -33.74 6.46 -2.31
C SER B 49 -33.28 5.07 -2.72
N SER B 50 -32.45 5.02 -3.76
CA SER B 50 -31.92 3.77 -4.27
C SER B 50 -30.51 3.50 -3.74
N ASN B 51 -30.19 4.15 -2.63
CA ASN B 51 -28.92 3.96 -1.92
C ASN B 51 -27.65 4.22 -2.73
N LYS B 52 -27.71 5.21 -3.64
CA LYS B 52 -26.52 5.70 -4.33
C LYS B 52 -25.90 6.88 -3.59
N LEU B 53 -24.58 6.96 -3.60
CA LEU B 53 -23.83 7.93 -2.79
C LEU B 53 -23.55 9.22 -3.56
N PHE B 54 -23.79 10.37 -2.91
CA PHE B 54 -23.38 11.68 -3.41
C PHE B 54 -22.74 12.40 -2.21
N GLN B 55 -21.65 13.12 -2.45
CA GLN B 55 -20.94 13.68 -1.33
C GLN B 55 -20.30 15.02 -1.67
N TYR B 56 -20.03 15.79 -0.62
CA TYR B 56 -19.35 17.05 -0.73
C TYR B 56 -18.56 17.23 0.56
N ALA B 57 -17.34 17.73 0.42
CA ALA B 57 -16.60 18.14 1.60
C ALA B 57 -15.78 19.34 1.22
N SER B 58 -15.62 20.28 2.15
CA SER B 58 -14.91 21.50 1.85
C SER B 58 -13.44 21.15 1.54
N THR B 59 -12.84 20.38 2.42
CA THR B 59 -11.53 19.76 2.25
C THR B 59 -11.71 18.24 2.32
N ASP B 60 -10.63 17.48 2.22
CA ASP B 60 -10.69 16.02 2.25
C ASP B 60 -11.81 15.42 3.15
N MET B 61 -12.75 14.69 2.53
CA MET B 61 -13.85 14.09 3.28
C MET B 61 -13.39 13.29 4.52
N ASP B 62 -12.49 12.35 4.29
CA ASP B 62 -12.03 11.42 5.32
C ASP B 62 -11.36 12.12 6.49
N LYS B 63 -10.64 13.21 6.22
CA LYS B 63 -10.04 13.99 7.28
C LYS B 63 -11.06 14.67 8.17
N VAL B 64 -12.17 15.14 7.58
CA VAL B 64 -13.19 15.75 8.42
C VAL B 64 -13.87 14.70 9.30
N LEU B 65 -14.16 13.53 8.73
CA LEU B 65 -14.87 12.48 9.49
C LEU B 65 -13.94 11.94 10.57
N LEU B 66 -12.67 11.81 10.24
CA LEU B 66 -11.68 11.43 11.22
C LEU B 66 -11.72 12.41 12.41
N LYS B 67 -11.68 13.71 12.12
CA LYS B 67 -11.74 14.70 13.17
C LYS B 67 -13.05 14.57 13.94
N TYR B 68 -14.12 14.22 13.22
CA TYR B 68 -15.40 13.97 13.86
C TYR B 68 -15.29 12.83 14.87
N THR B 69 -14.63 11.74 14.49
CA THR B 69 -14.56 10.60 15.43
C THR B 69 -13.76 10.89 16.72
N GLU B 70 -13.02 12.01 16.72
CA GLU B 70 -12.18 12.34 17.86
C GLU B 70 -12.84 13.33 18.79
N TYR B 71 -14.01 13.83 18.39
CA TYR B 71 -14.68 14.85 19.18
C TYR B 71 -15.29 14.17 20.40
N ASN B 72 -15.24 14.86 21.53
CA ASN B 72 -15.67 14.25 22.78
C ASN B 72 -16.17 15.26 23.80
N GLU B 73 -17.13 16.06 23.37
CA GLU B 73 -17.69 17.14 24.17
C GLU B 73 -19.12 17.25 23.71
N PRO B 74 -20.03 17.66 24.59
CA PRO B 74 -21.40 17.81 24.09
C PRO B 74 -21.49 18.91 23.01
N HIS B 75 -22.33 18.71 22.02
CA HIS B 75 -22.43 19.68 20.94
C HIS B 75 -23.79 19.57 20.30
N GLU B 76 -24.11 20.55 19.46
CA GLU B 76 -25.36 20.54 18.73
C GLU B 76 -25.43 19.30 17.85
N SER B 77 -26.40 18.43 18.11
CA SER B 77 -26.69 17.32 17.21
C SER B 77 -28.17 17.31 16.85
N ARG B 78 -28.49 17.72 15.63
CA ARG B 78 -29.88 17.84 15.22
C ARG B 78 -30.38 16.70 14.35
N THR B 79 -31.68 16.41 14.49
CA THR B 79 -32.38 15.40 13.72
C THR B 79 -33.59 16.05 13.03
N ASN B 80 -34.32 15.28 12.24
CA ASN B 80 -35.52 15.79 11.62
C ASN B 80 -36.55 16.33 12.60
N SER B 81 -36.78 15.62 13.70
CA SER B 81 -37.74 16.11 14.69
C SER B 81 -37.32 17.41 15.36
N ASP B 82 -36.03 17.59 15.66
CA ASP B 82 -35.60 18.85 16.27
C ASP B 82 -35.85 20.00 15.31
N ILE B 83 -35.64 19.76 14.01
CA ILE B 83 -35.84 20.83 13.04
C ILE B 83 -37.32 21.18 12.88
N VAL B 84 -38.16 20.15 12.82
CA VAL B 84 -39.59 20.39 12.81
C VAL B 84 -40.01 21.28 14.02
N GLU B 85 -39.52 20.95 15.21
CA GLU B 85 -39.87 21.73 16.39
C GLU B 85 -39.42 23.17 16.27
N ALA B 86 -38.20 23.39 15.83
CA ALA B 86 -37.67 24.74 15.69
C ALA B 86 -38.50 25.51 14.69
N LEU B 87 -38.98 24.82 13.65
CA LEU B 87 -39.81 25.47 12.65
C LEU B 87 -41.15 25.86 13.23
N ASN B 88 -41.77 24.96 13.99
CA ASN B 88 -43.06 25.26 14.60
C ASN B 88 -43.01 26.49 15.53
N LYS B 89 -42.02 26.52 16.41
CA LYS B 89 -41.86 27.66 17.32
C LYS B 89 -41.98 29.01 16.60
N LYS B 90 -41.43 29.12 15.41
CA LYS B 90 -41.54 30.36 14.64
C LYS B 90 -42.81 30.41 13.78
N GLY C 1 50.30 7.35 8.42
CA GLY C 1 50.21 7.82 9.78
C GLY C 1 51.50 7.66 10.57
N ARG C 2 51.52 8.21 11.79
CA ARG C 2 52.68 8.11 12.67
C ARG C 2 53.16 6.67 12.75
N LYS C 3 52.19 5.75 12.80
CA LYS C 3 52.50 4.33 12.83
C LYS C 3 51.67 3.60 11.78
N LYS C 4 52.20 2.50 11.25
CA LYS C 4 51.41 1.68 10.36
C LYS C 4 50.48 0.81 11.17
N ILE C 5 49.22 0.71 10.75
CA ILE C 5 48.27 -0.11 11.48
C ILE C 5 47.86 -1.33 10.67
N GLN C 6 47.33 -2.34 11.37
CA GLN C 6 46.84 -3.53 10.70
C GLN C 6 45.36 -3.36 10.39
N ILE C 7 44.95 -3.85 9.22
CA ILE C 7 43.53 -3.84 8.87
C ILE C 7 42.86 -4.93 9.68
N THR C 8 42.40 -4.54 10.86
CA THR C 8 41.72 -5.43 11.78
C THR C 8 40.82 -4.54 12.61
N ARG C 9 39.68 -5.06 13.06
CA ARG C 9 38.73 -4.22 13.78
C ARG C 9 39.44 -3.44 14.86
N ILE C 10 39.10 -2.15 14.96
CA ILE C 10 39.64 -1.30 16.02
C ILE C 10 38.85 -1.52 17.30
N MET C 11 39.53 -2.00 18.35
CA MET C 11 38.84 -2.38 19.60
C MET C 11 38.42 -1.19 20.47
N ASP C 12 39.31 -0.21 20.63
CA ASP C 12 38.99 0.98 21.43
C ASP C 12 37.81 1.73 20.83
N GLU C 13 36.73 1.85 21.61
CA GLU C 13 35.52 2.53 21.18
C GLU C 13 35.77 3.94 20.63
N ARG C 14 36.60 4.70 21.33
CA ARG C 14 36.84 6.08 20.93
C ARG C 14 37.66 6.18 19.64
N ASN C 15 38.65 5.32 19.52
CA ASN C 15 39.49 5.26 18.33
C ASN C 15 38.63 4.89 17.14
N ARG C 16 37.86 3.81 17.30
CA ARG C 16 37.00 3.30 16.23
C ARG C 16 36.09 4.38 15.69
N GLN C 17 35.46 5.13 16.59
CA GLN C 17 34.53 6.17 16.16
C GLN C 17 35.21 7.31 15.41
N VAL C 18 36.30 7.83 15.98
CA VAL C 18 37.02 8.95 15.37
C VAL C 18 37.58 8.54 14.01
N THR C 19 38.22 7.37 13.99
CA THR C 19 38.73 6.82 12.75
C THR C 19 37.61 6.67 11.72
N PHE C 20 36.42 6.25 12.17
CA PHE C 20 35.30 6.00 11.28
C PHE C 20 34.89 7.25 10.53
N THR C 21 34.79 8.37 11.24
CA THR C 21 34.32 9.61 10.64
C THR C 21 35.35 10.15 9.65
N LYS C 22 36.62 10.08 10.04
CA LYS C 22 37.73 10.58 9.22
C LYS C 22 37.84 9.79 7.92
N ARG C 23 38.05 8.49 8.03
CA ARG C 23 38.12 7.64 6.86
C ARG C 23 36.85 7.69 5.99
N LYS C 24 35.71 8.01 6.61
CA LYS C 24 34.47 8.04 5.83
C LYS C 24 34.47 9.21 4.90
N PHE C 25 34.88 10.35 5.43
CA PHE C 25 35.04 11.53 4.59
C PHE C 25 36.08 11.29 3.50
N GLY C 26 37.20 10.67 3.87
CA GLY C 26 38.24 10.33 2.91
C GLY C 26 37.72 9.49 1.75
N LEU C 27 36.82 8.56 2.05
CA LEU C 27 36.26 7.67 1.05
C LEU C 27 35.29 8.46 0.16
N MET C 28 34.52 9.34 0.76
CA MET C 28 33.61 10.16 -0.04
C MET C 28 34.37 11.17 -0.91
N LYS C 29 35.43 11.73 -0.37
CA LYS C 29 36.29 12.59 -1.19
C LYS C 29 36.76 11.83 -2.44
N LYS C 30 37.38 10.68 -2.26
CA LYS C 30 37.84 9.85 -3.37
C LYS C 30 36.73 9.51 -4.38
N ALA C 31 35.51 9.31 -3.89
CA ALA C 31 34.42 8.93 -4.80
C ALA C 31 33.99 10.16 -5.56
N TYR C 32 33.96 11.28 -4.86
CA TYR C 32 33.65 12.54 -5.51
C TYR C 32 34.61 12.79 -6.68
N GLU C 33 35.92 12.66 -6.43
CA GLU C 33 36.94 12.94 -7.42
C GLU C 33 36.89 11.99 -8.59
N LEU C 34 36.58 10.72 -8.28
CA LEU C 34 36.44 9.72 -9.32
C LEU C 34 35.26 10.08 -10.21
N SER C 35 34.13 10.45 -9.62
CA SER C 35 32.95 10.76 -10.43
C SER C 35 33.23 11.92 -11.37
N VAL C 36 33.95 12.93 -10.89
CA VAL C 36 34.26 14.06 -11.76
C VAL C 36 35.36 13.73 -12.75
N LEU C 37 36.48 13.20 -12.27
CA LEU C 37 37.60 12.91 -13.14
C LEU C 37 37.17 12.06 -14.33
N CYS C 38 36.38 11.03 -14.06
CA CYS C 38 36.15 10.00 -15.04
C CYS C 38 34.70 9.96 -15.51
N ASP C 39 33.94 10.96 -15.09
CA ASP C 39 32.59 11.17 -15.56
C ASP C 39 31.69 9.95 -15.26
N CYS C 40 31.74 9.44 -14.05
CA CYS C 40 30.90 8.29 -13.80
C CYS C 40 29.87 8.50 -12.72
N GLU C 41 29.01 7.50 -12.53
CA GLU C 41 27.97 7.54 -11.52
C GLU C 41 28.33 6.61 -10.39
N ILE C 42 28.26 7.12 -9.17
CA ILE C 42 28.73 6.41 -8.01
C ILE C 42 27.72 6.52 -6.88
N ALA C 43 27.37 5.36 -6.32
CA ALA C 43 26.54 5.34 -5.14
C ALA C 43 27.33 4.62 -4.05
N LEU C 44 27.30 5.18 -2.86
CA LEU C 44 28.03 4.64 -1.73
C LEU C 44 27.07 4.61 -0.56
N ILE C 45 26.94 3.45 0.07
CA ILE C 45 26.00 3.27 1.18
C ILE C 45 26.75 2.67 2.35
N ILE C 46 26.66 3.32 3.50
CA ILE C 46 27.42 2.91 4.66
C ILE C 46 26.54 2.81 5.92
N PHE C 47 26.51 1.62 6.53
CA PHE C 47 25.91 1.41 7.84
C PHE C 47 27.03 1.22 8.84
N ASN C 48 27.05 2.03 9.91
CA ASN C 48 28.07 1.89 10.97
C ASN C 48 27.77 0.79 11.99
N SER C 49 28.71 0.57 12.91
CA SER C 49 28.56 -0.49 13.91
C SER C 49 27.25 -0.40 14.68
N SER C 50 26.76 0.83 14.90
CA SER C 50 25.48 1.01 15.56
C SER C 50 24.34 1.21 14.56
N ASN C 51 24.57 0.76 13.33
CA ASN C 51 23.54 0.73 12.29
C ASN C 51 22.93 2.06 11.85
N LYS C 52 23.68 3.14 11.94
CA LYS C 52 23.24 4.41 11.38
C LYS C 52 23.63 4.45 9.91
N LEU C 53 22.81 5.08 9.08
CA LEU C 53 23.04 5.14 7.64
C LEU C 53 23.75 6.41 7.19
N PHE C 54 24.76 6.25 6.34
CA PHE C 54 25.36 7.39 5.65
C PHE C 54 25.46 7.06 4.18
N GLN C 55 25.12 8.04 3.36
CA GLN C 55 25.09 7.80 1.93
C GLN C 55 25.77 8.93 1.17
N TYR C 56 26.40 8.55 0.05
CA TYR C 56 26.90 9.52 -0.90
C TYR C 56 26.47 9.09 -2.31
N ALA C 57 26.12 10.07 -3.14
CA ALA C 57 25.83 9.79 -4.53
C ALA C 57 26.25 10.98 -5.38
N SER C 58 26.77 10.70 -6.57
CA SER C 58 27.21 11.76 -7.47
C SER C 58 26.08 12.17 -8.40
N THR C 59 24.93 11.55 -8.23
CA THR C 59 23.76 11.82 -9.04
C THR C 59 22.57 11.23 -8.26
N ASP C 60 21.38 11.17 -8.84
CA ASP C 60 20.22 10.68 -8.08
C ASP C 60 20.37 9.20 -7.68
N MET C 61 20.31 8.97 -6.37
CA MET C 61 20.53 7.66 -5.80
C MET C 61 19.63 6.60 -6.44
N ASP C 62 18.34 6.92 -6.57
CA ASP C 62 17.35 5.96 -7.04
C ASP C 62 17.54 5.57 -8.49
N LYS C 63 17.99 6.51 -9.32
CA LYS C 63 18.33 6.17 -10.70
C LYS C 63 19.53 5.24 -10.73
N VAL C 64 20.54 5.49 -9.89
CA VAL C 64 21.68 4.58 -9.87
C VAL C 64 21.29 3.17 -9.40
N LEU C 65 20.38 3.07 -8.43
CA LEU C 65 20.01 1.76 -7.93
C LEU C 65 19.15 0.99 -8.93
N LEU C 66 18.38 1.70 -9.73
CA LEU C 66 17.52 1.05 -10.70
C LEU C 66 18.31 0.57 -11.94
N LYS C 67 19.30 1.35 -12.38
CA LYS C 67 20.19 0.90 -13.43
C LYS C 67 20.94 -0.35 -12.97
N TYR C 68 21.38 -0.34 -11.71
CA TYR C 68 22.06 -1.50 -11.15
C TYR C 68 21.16 -2.73 -11.13
N THR C 69 19.91 -2.54 -10.71
CA THR C 69 18.97 -3.64 -10.58
C THR C 69 18.74 -4.30 -11.92
N GLU C 70 18.69 -3.53 -13.00
CA GLU C 70 18.40 -4.12 -14.30
C GLU C 70 19.64 -4.40 -15.17
N TYR C 71 20.82 -4.21 -14.59
CA TYR C 71 22.06 -4.42 -15.34
C TYR C 71 22.22 -5.91 -15.57
N ASN C 72 22.25 -6.32 -16.83
CA ASN C 72 22.10 -7.73 -17.19
C ASN C 72 23.30 -8.18 -18.01
N GLU C 73 24.50 -7.99 -17.45
CA GLU C 73 25.75 -8.41 -18.06
C GLU C 73 26.69 -8.78 -16.93
N PRO C 74 27.60 -9.72 -17.18
CA PRO C 74 28.60 -10.02 -16.14
C PRO C 74 29.45 -8.78 -15.84
N HIS C 75 29.87 -8.65 -14.59
CA HIS C 75 30.61 -7.46 -14.22
C HIS C 75 31.41 -7.81 -13.02
N GLU C 76 32.41 -7.00 -12.72
CA GLU C 76 33.23 -7.18 -11.53
C GLU C 76 32.46 -6.90 -10.23
N SER C 77 32.59 -7.80 -9.25
CA SER C 77 31.91 -7.69 -7.98
C SER C 77 32.86 -8.16 -6.91
N ARG C 78 33.28 -7.25 -6.04
CA ARG C 78 34.23 -7.64 -5.00
C ARG C 78 33.61 -7.66 -3.62
N THR C 79 34.09 -8.59 -2.81
CA THR C 79 33.71 -8.68 -1.41
C THR C 79 34.98 -8.53 -0.58
N ASN C 80 34.83 -8.51 0.74
CA ASN C 80 35.98 -8.39 1.60
C ASN C 80 36.98 -9.54 1.39
N SER C 81 36.49 -10.77 1.44
CA SER C 81 37.38 -11.92 1.18
C SER C 81 38.13 -11.78 -0.14
N ASP C 82 37.45 -11.30 -1.18
CA ASP C 82 38.09 -11.12 -2.47
C ASP C 82 39.29 -10.17 -2.38
N ILE C 83 39.10 -9.05 -1.70
CA ILE C 83 40.13 -8.01 -1.65
C ILE C 83 41.31 -8.45 -0.81
N VAL C 84 41.04 -9.21 0.25
CA VAL C 84 42.10 -9.71 1.11
C VAL C 84 43.10 -10.51 0.31
N GLU C 85 42.60 -11.46 -0.47
CA GLU C 85 43.43 -12.31 -1.31
C GLU C 85 44.16 -11.52 -2.39
N ALA C 86 43.51 -10.48 -2.89
CA ALA C 86 44.10 -9.64 -3.94
C ALA C 86 45.36 -8.92 -3.45
N LEU C 87 45.33 -8.49 -2.19
CA LEU C 87 46.49 -7.85 -1.57
C LEU C 87 47.49 -8.88 -1.05
N ASN C 88 46.99 -10.04 -0.64
CA ASN C 88 47.86 -11.14 -0.21
C ASN C 88 48.82 -11.58 -1.33
N LYS C 89 48.41 -11.38 -2.58
CA LYS C 89 49.22 -11.73 -3.73
C LYS C 89 50.05 -10.55 -4.24
N LYS C 90 50.45 -9.69 -3.30
CA LYS C 90 51.38 -8.59 -3.57
C LYS C 90 52.38 -8.45 -2.41
N GLY D 1 51.44 11.60 -6.87
CA GLY D 1 51.61 11.63 -8.31
C GLY D 1 52.81 12.45 -8.75
N ARG D 2 53.26 12.23 -9.99
CA ARG D 2 54.39 12.97 -10.54
C ARG D 2 54.03 14.44 -10.70
N LYS D 3 52.79 14.76 -10.38
CA LYS D 3 52.28 16.12 -10.56
C LYS D 3 50.90 16.18 -9.92
N LYS D 4 50.49 17.38 -9.53
CA LYS D 4 49.13 17.55 -9.05
C LYS D 4 48.19 17.54 -10.24
N ILE D 5 47.07 16.84 -10.12
CA ILE D 5 46.04 16.96 -11.14
C ILE D 5 44.83 17.69 -10.60
N GLN D 6 44.26 18.57 -11.42
CA GLN D 6 43.05 19.26 -11.01
C GLN D 6 41.89 18.30 -11.14
N ILE D 7 40.83 18.54 -10.37
CA ILE D 7 39.67 17.68 -10.40
C ILE D 7 38.68 18.18 -11.44
N THR D 8 38.91 17.72 -12.67
CA THR D 8 38.16 18.14 -13.84
C THR D 8 38.06 16.90 -14.71
N ARG D 9 36.96 16.77 -15.44
CA ARG D 9 36.78 15.63 -16.35
C ARG D 9 37.98 15.45 -17.28
N ILE D 10 38.54 14.25 -17.30
CA ILE D 10 39.62 13.92 -18.22
C ILE D 10 39.06 13.70 -19.62
N MET D 11 39.50 14.55 -20.54
CA MET D 11 38.97 14.59 -21.90
C MET D 11 39.44 13.43 -22.74
N ASP D 12 40.71 13.08 -22.58
CA ASP D 12 41.30 12.00 -23.33
C ASP D 12 40.77 10.65 -22.84
N GLU D 13 40.04 9.98 -23.71
CA GLU D 13 39.38 8.73 -23.34
C GLU D 13 40.33 7.66 -22.83
N ARG D 14 41.52 7.52 -23.43
CA ARG D 14 42.49 6.52 -22.93
C ARG D 14 42.93 6.84 -21.51
N ASN D 15 43.31 8.11 -21.29
CA ASN D 15 43.76 8.55 -19.98
C ASN D 15 42.63 8.49 -18.97
N ARG D 16 41.43 8.80 -19.43
CA ARG D 16 40.28 8.72 -18.56
C ARG D 16 40.14 7.30 -18.01
N GLN D 17 40.34 6.31 -18.88
CA GLN D 17 40.17 4.90 -18.52
C GLN D 17 41.28 4.42 -17.62
N VAL D 18 42.49 4.86 -17.91
CA VAL D 18 43.64 4.46 -17.11
C VAL D 18 43.48 5.00 -15.70
N THR D 19 43.10 6.27 -15.58
CA THR D 19 42.87 6.86 -14.27
C THR D 19 41.74 6.14 -13.54
N PHE D 20 40.68 5.84 -14.27
CA PHE D 20 39.52 5.19 -13.67
C PHE D 20 39.94 3.90 -12.97
N THR D 21 40.68 3.06 -13.68
CA THR D 21 41.04 1.73 -13.18
C THR D 21 41.86 1.76 -11.91
N LYS D 22 42.84 2.66 -11.86
CA LYS D 22 43.66 2.78 -10.66
C LYS D 22 42.81 3.28 -9.48
N ARG D 23 42.11 4.39 -9.69
CA ARG D 23 41.30 5.01 -8.65
C ARG D 23 40.10 4.13 -8.24
N LYS D 24 39.54 3.37 -9.18
CA LYS D 24 38.45 2.46 -8.81
C LYS D 24 38.98 1.46 -7.79
N PHE D 25 40.14 0.87 -8.09
CA PHE D 25 40.76 -0.12 -7.22
C PHE D 25 41.11 0.54 -5.88
N GLY D 26 41.56 1.79 -5.92
CA GLY D 26 41.89 2.50 -4.69
C GLY D 26 40.68 2.77 -3.81
N LEU D 27 39.55 3.04 -4.44
CA LEU D 27 38.32 3.33 -3.73
C LEU D 27 37.81 2.07 -3.02
N MET D 28 37.86 0.94 -3.69
CA MET D 28 37.38 -0.31 -3.11
C MET D 28 38.30 -0.77 -1.98
N LYS D 29 39.60 -0.53 -2.13
CA LYS D 29 40.51 -0.84 -1.05
C LYS D 29 40.18 0.00 0.19
N LYS D 30 39.98 1.31 -0.01
CA LYS D 30 39.58 2.18 1.10
C LYS D 30 38.27 1.72 1.73
N ALA D 31 37.30 1.37 0.91
CA ALA D 31 36.00 0.95 1.44
C ALA D 31 36.17 -0.33 2.26
N TYR D 32 36.92 -1.28 1.70
CA TYR D 32 37.25 -2.52 2.41
C TYR D 32 37.82 -2.26 3.81
N GLU D 33 38.84 -1.42 3.85
CA GLU D 33 39.51 -1.05 5.09
C GLU D 33 38.57 -0.38 6.09
N LEU D 34 37.74 0.53 5.59
CA LEU D 34 36.76 1.18 6.44
C LEU D 34 35.90 0.10 7.08
N SER D 35 35.32 -0.78 6.27
CA SER D 35 34.39 -1.77 6.80
C SER D 35 35.05 -2.65 7.87
N VAL D 36 36.31 -3.01 7.66
CA VAL D 36 37.02 -3.84 8.62
C VAL D 36 37.44 -3.09 9.89
N LEU D 37 38.12 -1.96 9.73
CA LEU D 37 38.60 -1.15 10.86
C LEU D 37 37.47 -0.73 11.78
N CYS D 38 36.34 -0.37 11.18
CA CYS D 38 35.26 0.23 11.94
C CYS D 38 34.01 -0.63 11.98
N ASP D 39 34.13 -1.86 11.50
CA ASP D 39 33.07 -2.86 11.64
C ASP D 39 31.73 -2.33 11.11
N CYS D 40 31.73 -1.89 9.85
CA CYS D 40 30.50 -1.41 9.24
C CYS D 40 30.20 -2.11 7.91
N GLU D 41 28.97 -1.96 7.43
CA GLU D 41 28.52 -2.58 6.19
C GLU D 41 28.46 -1.53 5.09
N ILE D 42 29.12 -1.80 3.97
CA ILE D 42 29.27 -0.82 2.90
C ILE D 42 28.94 -1.45 1.56
N ALA D 43 28.15 -0.75 0.77
CA ALA D 43 27.96 -1.08 -0.63
C ALA D 43 28.44 0.09 -1.47
N LEU D 44 29.11 -0.24 -2.56
CA LEU D 44 29.63 0.75 -3.48
C LEU D 44 29.24 0.34 -4.90
N ILE D 45 28.51 1.21 -5.59
CA ILE D 45 28.12 0.96 -6.98
C ILE D 45 28.76 2.02 -7.88
N ILE D 46 29.39 1.60 -8.96
CA ILE D 46 30.06 2.53 -9.88
C ILE D 46 29.81 2.17 -11.32
N PHE D 47 29.27 3.12 -12.07
CA PHE D 47 29.11 3.01 -13.50
C PHE D 47 30.11 3.95 -14.17
N ASN D 48 30.97 3.44 -15.05
CA ASN D 48 31.91 4.32 -15.73
C ASN D 48 31.27 5.05 -16.89
N SER D 49 32.05 5.87 -17.59
CA SER D 49 31.49 6.76 -18.62
C SER D 49 30.89 6.02 -19.81
N SER D 50 31.36 4.79 -20.05
CA SER D 50 30.72 3.93 -21.05
C SER D 50 29.70 2.94 -20.45
N ASN D 51 29.25 3.25 -19.24
CA ASN D 51 28.19 2.51 -18.53
C ASN D 51 28.44 1.03 -18.19
N LYS D 52 29.70 0.71 -17.92
CA LYS D 52 30.03 -0.59 -17.38
C LYS D 52 29.99 -0.58 -15.85
N LEU D 53 29.41 -1.63 -15.27
CA LEU D 53 29.21 -1.70 -13.84
C LEU D 53 30.39 -2.34 -13.08
N PHE D 54 30.71 -1.75 -11.94
CA PHE D 54 31.70 -2.30 -11.02
C PHE D 54 31.13 -2.16 -9.63
N GLN D 55 31.14 -3.23 -8.85
CA GLN D 55 30.47 -3.16 -7.57
C GLN D 55 31.33 -3.75 -6.48
N TYR D 56 31.15 -3.21 -5.28
CA TYR D 56 31.77 -3.76 -4.08
C TYR D 56 30.76 -3.77 -2.96
N ALA D 57 30.76 -4.81 -2.14
CA ALA D 57 29.97 -4.86 -0.93
C ALA D 57 30.74 -5.65 0.14
N SER D 58 30.83 -5.12 1.35
CA SER D 58 31.60 -5.79 2.38
C SER D 58 31.05 -7.19 2.60
N THR D 59 29.73 -7.23 2.78
CA THR D 59 28.93 -8.44 2.83
C THR D 59 28.08 -8.40 1.57
N ASP D 60 27.10 -9.28 1.50
CA ASP D 60 26.22 -9.41 0.34
C ASP D 60 25.51 -8.10 -0.10
N MET D 61 25.46 -7.84 -1.41
CA MET D 61 24.89 -6.61 -1.93
C MET D 61 23.37 -6.49 -1.69
N ASP D 62 22.62 -7.52 -2.07
CA ASP D 62 21.17 -7.56 -1.83
C ASP D 62 20.78 -7.27 -0.38
N LYS D 63 21.55 -7.79 0.58
CA LYS D 63 21.32 -7.52 2.00
C LYS D 63 21.47 -6.05 2.32
N VAL D 64 22.55 -5.43 1.84
CA VAL D 64 22.72 -4.01 2.13
C VAL D 64 21.64 -3.21 1.43
N LEU D 65 21.30 -3.59 0.21
CA LEU D 65 20.25 -2.90 -0.53
C LEU D 65 18.84 -3.00 0.11
N LEU D 66 18.50 -4.16 0.66
CA LEU D 66 17.23 -4.32 1.37
C LEU D 66 17.17 -3.39 2.57
N LYS D 67 18.22 -3.42 3.40
CA LYS D 67 18.24 -2.61 4.61
C LYS D 67 18.14 -1.13 4.26
N TYR D 68 18.76 -0.75 3.16
CA TYR D 68 18.76 0.64 2.73
C TYR D 68 17.35 1.07 2.32
N THR D 69 16.67 0.25 1.52
CA THR D 69 15.30 0.60 1.11
C THR D 69 14.34 0.65 2.30
N GLU D 70 14.72 0.01 3.40
CA GLU D 70 13.87 -0.10 4.59
C GLU D 70 14.08 1.07 5.54
N TYR D 71 15.28 1.65 5.50
CA TYR D 71 15.62 2.74 6.41
C TYR D 71 14.59 3.86 6.29
N ASN D 72 14.05 4.28 7.41
CA ASN D 72 13.04 5.34 7.44
C ASN D 72 13.27 6.34 8.56
N GLU D 73 14.46 6.92 8.60
CA GLU D 73 14.76 8.01 9.51
C GLU D 73 15.84 8.92 8.93
N PRO D 74 16.11 10.04 9.61
CA PRO D 74 17.18 10.95 9.16
C PRO D 74 18.57 10.28 9.10
N HIS D 75 19.33 10.68 8.08
CA HIS D 75 20.67 10.18 7.85
C HIS D 75 21.35 11.17 6.93
N GLU D 76 22.65 11.36 7.11
CA GLU D 76 23.39 12.27 6.23
C GLU D 76 23.35 11.76 4.79
N SER D 77 22.99 12.66 3.87
CA SER D 77 23.00 12.36 2.44
C SER D 77 23.89 13.37 1.74
N ARG D 78 24.99 12.91 1.17
CA ARG D 78 25.95 13.83 0.59
C ARG D 78 26.02 13.72 -0.92
N THR D 79 26.30 14.86 -1.55
CA THR D 79 26.47 14.95 -2.99
C THR D 79 27.79 15.62 -3.29
N ASN D 80 28.10 15.73 -4.58
CA ASN D 80 29.32 16.41 -4.99
C ASN D 80 29.36 17.85 -4.48
N SER D 81 28.28 18.59 -4.65
CA SER D 81 28.24 19.95 -4.11
C SER D 81 28.55 19.93 -2.61
N ASP D 82 27.87 19.07 -1.85
CA ASP D 82 28.13 18.90 -0.42
C ASP D 82 29.60 18.65 -0.08
N ILE D 83 30.30 17.87 -0.91
CA ILE D 83 31.71 17.56 -0.68
C ILE D 83 32.62 18.74 -1.03
N VAL D 84 32.27 19.44 -2.10
CA VAL D 84 32.99 20.64 -2.50
C VAL D 84 32.95 21.70 -1.37
N GLU D 85 31.77 21.92 -0.80
CA GLU D 85 31.63 22.88 0.29
C GLU D 85 32.53 22.53 1.45
N ALA D 86 32.46 21.28 1.88
CA ALA D 86 33.29 20.81 2.98
C ALA D 86 34.78 21.02 2.66
N LEU D 87 35.15 20.82 1.41
CA LEU D 87 36.55 20.99 1.02
C LEU D 87 36.97 22.45 1.12
N ASN D 88 36.14 23.34 0.59
CA ASN D 88 36.42 24.77 0.61
C ASN D 88 36.64 25.34 2.02
N LYS D 89 35.71 25.05 2.93
CA LYS D 89 35.81 25.55 4.30
C LYS D 89 37.23 25.44 4.85
N LYS D 90 37.93 24.38 4.45
CA LYS D 90 39.32 24.20 4.85
C LYS D 90 40.24 25.01 3.93
N GLY E 1 -25.23 -33.46 4.93
CA GLY E 1 -25.82 -33.17 6.23
C GLY E 1 -27.30 -33.50 6.28
N ARG E 2 -27.90 -33.41 7.46
CA ARG E 2 -29.35 -33.65 7.60
C ARG E 2 -30.09 -32.92 6.50
N LYS E 3 -29.55 -31.78 6.08
CA LYS E 3 -30.21 -30.98 5.06
C LYS E 3 -29.22 -30.30 4.12
N LYS E 4 -29.52 -30.32 2.82
CA LYS E 4 -28.73 -29.58 1.84
C LYS E 4 -28.80 -28.08 2.14
N ILE E 5 -27.65 -27.39 2.09
CA ILE E 5 -27.65 -25.95 2.27
C ILE E 5 -27.25 -25.22 1.00
N GLN E 6 -27.73 -23.99 0.86
CA GLN E 6 -27.40 -23.18 -0.30
C GLN E 6 -26.12 -22.40 -0.01
N ILE E 7 -25.30 -22.20 -1.02
CA ILE E 7 -24.09 -21.40 -0.84
C ILE E 7 -24.41 -19.91 -0.89
N THR E 8 -24.75 -19.37 0.27
CA THR E 8 -25.07 -17.95 0.46
C THR E 8 -24.62 -17.67 1.86
N ARG E 9 -24.19 -16.44 2.11
CA ARG E 9 -23.68 -16.07 3.42
C ARG E 9 -24.60 -16.52 4.56
N ILE E 10 -24.00 -17.14 5.59
CA ILE E 10 -24.75 -17.49 6.78
C ILE E 10 -24.81 -16.24 7.65
N MET E 11 -26.03 -15.79 7.92
CA MET E 11 -26.24 -14.47 8.52
C MET E 11 -26.17 -14.47 10.05
N ASP E 12 -26.58 -15.58 10.67
CA ASP E 12 -26.56 -15.70 12.12
C ASP E 12 -25.10 -15.97 12.56
N GLU E 13 -24.61 -15.18 13.50
CA GLU E 13 -23.19 -15.22 13.91
C GLU E 13 -22.78 -16.55 14.54
N ARG E 14 -23.62 -17.08 15.43
CA ARG E 14 -23.30 -18.36 16.07
C ARG E 14 -23.22 -19.47 15.04
N ASN E 15 -24.22 -19.54 14.16
CA ASN E 15 -24.24 -20.57 13.12
C ASN E 15 -23.08 -20.40 12.15
N ARG E 16 -22.74 -19.16 11.81
CA ARG E 16 -21.63 -18.93 10.89
C ARG E 16 -20.30 -19.44 11.48
N GLN E 17 -20.06 -19.18 12.76
CA GLN E 17 -18.90 -19.70 13.47
C GLN E 17 -18.90 -21.24 13.60
N VAL E 18 -20.07 -21.83 13.80
CA VAL E 18 -20.15 -23.29 13.84
C VAL E 18 -19.68 -23.91 12.52
N THR E 19 -20.26 -23.44 11.43
CA THR E 19 -19.91 -23.91 10.10
C THR E 19 -18.46 -23.58 9.73
N PHE E 20 -17.97 -22.44 10.19
CA PHE E 20 -16.62 -22.00 9.87
C PHE E 20 -15.57 -22.97 10.47
N THR E 21 -15.61 -23.15 11.79
CA THR E 21 -14.70 -24.09 12.48
C THR E 21 -14.71 -25.46 11.82
N LYS E 22 -15.89 -25.96 11.53
CA LYS E 22 -16.08 -27.26 10.89
C LYS E 22 -15.45 -27.31 9.48
N ARG E 23 -15.77 -26.33 8.65
CA ARG E 23 -15.35 -26.37 7.25
C ARG E 23 -13.90 -25.96 7.06
N LYS E 24 -13.38 -25.17 7.98
CA LYS E 24 -11.99 -24.79 7.92
C LYS E 24 -11.11 -26.02 8.14
N PHE E 25 -11.49 -26.88 9.09
CA PHE E 25 -10.71 -28.10 9.29
C PHE E 25 -10.82 -29.00 8.07
N GLY E 26 -12.04 -29.15 7.57
CA GLY E 26 -12.27 -29.92 6.35
C GLY E 26 -11.38 -29.44 5.23
N LEU E 27 -11.23 -28.12 5.11
CA LEU E 27 -10.44 -27.51 4.03
C LEU E 27 -8.95 -27.79 4.25
N MET E 28 -8.47 -27.58 5.46
CA MET E 28 -7.08 -27.85 5.78
C MET E 28 -6.73 -29.34 5.65
N LYS E 29 -7.69 -30.20 5.94
CA LYS E 29 -7.49 -31.64 5.78
C LYS E 29 -7.42 -32.04 4.31
N LYS E 30 -8.29 -31.48 3.47
CA LYS E 30 -8.22 -31.73 2.03
C LYS E 30 -6.89 -31.22 1.45
N ALA E 31 -6.40 -30.10 1.97
CA ALA E 31 -5.16 -29.52 1.49
C ALA E 31 -3.98 -30.44 1.83
N TYR E 32 -3.96 -30.94 3.06
CA TYR E 32 -2.92 -31.86 3.50
C TYR E 32 -2.89 -33.09 2.60
N GLU E 33 -4.04 -33.74 2.42
CA GLU E 33 -4.13 -34.92 1.57
C GLU E 33 -3.66 -34.66 0.15
N LEU E 34 -4.00 -33.50 -0.39
CA LEU E 34 -3.57 -33.14 -1.72
C LEU E 34 -2.04 -33.05 -1.81
N SER E 35 -1.42 -32.45 -0.80
CA SER E 35 0.02 -32.25 -0.82
C SER E 35 0.80 -33.57 -0.70
N VAL E 36 0.43 -34.41 0.28
CA VAL E 36 0.99 -35.75 0.41
C VAL E 36 0.70 -36.66 -0.79
N LEU E 37 -0.58 -36.84 -1.14
CA LEU E 37 -0.97 -37.73 -2.24
C LEU E 37 -0.27 -37.40 -3.55
N CYS E 38 -0.09 -36.11 -3.83
CA CYS E 38 0.35 -35.72 -5.16
C CYS E 38 1.68 -34.97 -5.18
N ASP E 39 2.31 -34.87 -4.01
CA ASP E 39 3.61 -34.21 -3.86
C ASP E 39 3.60 -32.74 -4.34
N CYS E 40 2.75 -31.91 -3.75
CA CYS E 40 2.79 -30.49 -4.07
C CYS E 40 3.01 -29.64 -2.85
N GLU E 41 3.40 -28.39 -3.09
CA GLU E 41 3.51 -27.41 -2.04
C GLU E 41 2.24 -26.56 -2.03
N ILE E 42 1.59 -26.47 -0.88
CA ILE E 42 0.33 -25.75 -0.84
C ILE E 42 0.38 -24.76 0.29
N ALA E 43 -0.12 -23.57 0.01
CA ALA E 43 -0.26 -22.54 1.04
C ALA E 43 -1.70 -22.08 1.01
N LEU E 44 -2.26 -21.95 2.20
CA LEU E 44 -3.66 -21.57 2.34
C LEU E 44 -3.75 -20.50 3.41
N ILE E 45 -4.38 -19.39 3.08
CA ILE E 45 -4.55 -18.27 3.99
C ILE E 45 -6.03 -17.91 4.09
N ILE E 46 -6.54 -17.77 5.31
CA ILE E 46 -7.97 -17.54 5.55
C ILE E 46 -8.15 -16.42 6.58
N PHE E 47 -8.89 -15.38 6.20
CA PHE E 47 -9.30 -14.37 7.14
C PHE E 47 -10.79 -14.56 7.36
N ASN E 48 -11.22 -14.78 8.60
CA ASN E 48 -12.65 -14.99 8.85
C ASN E 48 -13.41 -13.66 8.94
N SER E 49 -14.72 -13.72 9.21
CA SER E 49 -15.56 -12.51 9.08
C SER E 49 -15.12 -11.41 10.04
N SER E 50 -14.49 -11.80 11.14
CA SER E 50 -13.95 -10.82 12.08
C SER E 50 -12.44 -10.64 11.93
N ASN E 51 -11.94 -10.90 10.73
CA ASN E 51 -10.52 -10.67 10.38
C ASN E 51 -9.45 -11.30 11.25
N LYS E 52 -9.77 -12.41 11.90
CA LYS E 52 -8.76 -13.23 12.51
C LYS E 52 -8.10 -14.07 11.41
N LEU E 53 -6.81 -14.37 11.56
CA LEU E 53 -6.07 -15.13 10.56
C LEU E 53 -5.87 -16.60 10.91
N PHE E 54 -6.06 -17.46 9.91
CA PHE E 54 -5.72 -18.87 10.03
C PHE E 54 -4.92 -19.24 8.78
N GLN E 55 -3.93 -20.09 8.94
CA GLN E 55 -3.10 -20.43 7.80
C GLN E 55 -2.70 -21.89 7.84
N TYR E 56 -2.51 -22.45 6.66
CA TYR E 56 -1.89 -23.75 6.52
C TYR E 56 -0.87 -23.65 5.41
N ALA E 57 0.16 -24.47 5.49
CA ALA E 57 1.14 -24.61 4.41
C ALA E 57 1.88 -25.94 4.61
N SER E 58 2.05 -26.69 3.54
CA SER E 58 2.69 -28.00 3.61
C SER E 58 4.17 -27.89 3.98
N THR E 59 4.69 -26.68 3.86
CA THR E 59 6.11 -26.40 4.06
C THR E 59 6.14 -25.03 4.72
N ASP E 60 7.27 -24.35 4.64
CA ASP E 60 7.41 -23.00 5.16
C ASP E 60 6.58 -22.03 4.31
N MET E 61 5.70 -21.28 4.97
CA MET E 61 4.83 -20.31 4.27
C MET E 61 5.65 -19.33 3.43
N ASP E 62 6.62 -18.67 4.05
CA ASP E 62 7.49 -17.72 3.34
C ASP E 62 8.12 -18.29 2.07
N LYS E 63 8.47 -19.57 2.07
CA LYS E 63 9.06 -20.17 0.87
C LYS E 63 8.02 -20.23 -0.22
N VAL E 64 6.79 -20.54 0.17
CA VAL E 64 5.75 -20.63 -0.84
C VAL E 64 5.42 -19.26 -1.43
N LEU E 65 5.28 -18.26 -0.57
CA LEU E 65 4.97 -16.89 -1.03
C LEU E 65 6.05 -16.34 -1.97
N LEU E 66 7.31 -16.68 -1.71
CA LEU E 66 8.44 -16.23 -2.54
C LEU E 66 8.34 -16.85 -3.91
N LYS E 67 8.03 -18.13 -3.94
CA LYS E 67 7.97 -18.86 -5.19
C LYS E 67 6.82 -18.32 -6.03
N TYR E 68 5.73 -17.98 -5.36
CA TYR E 68 4.62 -17.33 -6.04
C TYR E 68 5.03 -15.98 -6.65
N THR E 69 5.64 -15.10 -5.86
CA THR E 69 6.00 -13.76 -6.31
C THR E 69 6.92 -13.78 -7.52
N GLU E 70 7.77 -14.80 -7.61
CA GLU E 70 8.82 -14.81 -8.63
C GLU E 70 8.46 -15.64 -9.86
N TYR E 71 7.24 -16.18 -9.84
CA TYR E 71 6.71 -16.93 -10.99
C TYR E 71 6.22 -15.93 -12.04
N ASN E 72 6.82 -15.97 -13.22
CA ASN E 72 6.49 -14.99 -14.26
C ASN E 72 5.92 -15.65 -15.52
N GLU E 73 4.85 -16.41 -15.34
CA GLU E 73 4.34 -17.23 -16.41
C GLU E 73 2.82 -17.27 -16.29
N PRO E 74 2.11 -17.40 -17.42
CA PRO E 74 0.65 -17.49 -17.30
C PRO E 74 0.26 -18.73 -16.50
N HIS E 75 -0.84 -18.64 -15.75
CA HIS E 75 -1.26 -19.73 -14.88
C HIS E 75 -2.73 -19.61 -14.46
N GLU E 76 -3.37 -20.75 -14.26
CA GLU E 76 -4.76 -20.82 -13.83
C GLU E 76 -4.98 -20.01 -12.57
N SER E 77 -5.95 -19.11 -12.62
CA SER E 77 -6.26 -18.25 -11.50
C SER E 77 -7.77 -18.13 -11.36
N ARG E 78 -8.30 -18.69 -10.28
CA ARG E 78 -9.75 -18.74 -10.10
C ARG E 78 -10.18 -17.79 -9.00
N THR E 79 -11.41 -17.31 -9.13
CA THR E 79 -12.00 -16.38 -8.19
C THR E 79 -13.39 -16.88 -7.90
N ASN E 80 -14.00 -16.39 -6.82
CA ASN E 80 -15.38 -16.76 -6.51
C ASN E 80 -16.28 -16.57 -7.72
N SER E 81 -16.15 -15.44 -8.40
CA SER E 81 -17.00 -15.19 -9.57
C SER E 81 -16.74 -16.23 -10.67
N ASP E 82 -15.48 -16.55 -10.95
CA ASP E 82 -15.15 -17.61 -11.90
C ASP E 82 -15.89 -18.90 -11.58
N ILE E 83 -15.67 -19.40 -10.36
CA ILE E 83 -16.15 -20.70 -9.93
C ILE E 83 -17.68 -20.77 -9.92
N VAL E 84 -18.31 -19.62 -9.75
CA VAL E 84 -19.76 -19.49 -9.86
C VAL E 84 -20.23 -19.89 -11.26
N GLU E 85 -19.64 -19.29 -12.29
CA GLU E 85 -19.99 -19.57 -13.68
C GLU E 85 -19.85 -21.04 -14.01
N ALA E 86 -18.65 -21.58 -13.77
CA ALA E 86 -18.35 -22.96 -14.05
C ALA E 86 -19.40 -23.89 -13.44
N LEU E 87 -19.85 -23.56 -12.23
CA LEU E 87 -20.87 -24.37 -11.56
C LEU E 87 -22.27 -24.14 -12.13
N ASN E 88 -22.57 -22.90 -12.49
CA ASN E 88 -23.86 -22.56 -13.09
C ASN E 88 -24.07 -23.23 -14.44
N LYS E 89 -23.01 -23.27 -15.25
CA LYS E 89 -23.06 -23.90 -16.56
C LYS E 89 -23.09 -25.43 -16.44
N LYS E 90 -24.13 -25.93 -15.76
CA LYS E 90 -24.37 -27.36 -15.60
C LYS E 90 -25.84 -27.60 -15.28
N GLY F 1 -15.30 -42.94 -2.49
CA GLY F 1 -14.91 -43.50 -3.77
C GLY F 1 -15.13 -45.00 -3.80
N ARG F 2 -15.01 -45.59 -4.99
CA ARG F 2 -15.13 -47.04 -5.15
C ARG F 2 -14.35 -47.78 -4.05
N LYS F 3 -13.16 -47.28 -3.70
CA LYS F 3 -12.42 -47.83 -2.57
C LYS F 3 -11.71 -46.73 -1.79
N LYS F 4 -11.37 -47.01 -0.54
CA LYS F 4 -10.62 -46.08 0.28
C LYS F 4 -9.17 -46.09 -0.17
N ILE F 5 -8.53 -44.92 -0.24
CA ILE F 5 -7.09 -44.90 -0.49
C ILE F 5 -6.34 -44.43 0.73
N GLN F 6 -5.10 -44.89 0.86
CA GLN F 6 -4.23 -44.47 1.95
C GLN F 6 -3.64 -43.11 1.63
N ILE F 7 -3.40 -42.30 2.65
CA ILE F 7 -2.81 -40.99 2.40
C ILE F 7 -1.27 -41.08 2.37
N THR F 8 -0.75 -41.38 1.19
CA THR F 8 0.68 -41.48 0.95
C THR F 8 0.90 -41.22 -0.53
N ARG F 9 2.09 -40.74 -0.88
CA ARG F 9 2.40 -40.35 -2.25
C ARG F 9 1.95 -41.39 -3.26
N ILE F 10 1.26 -40.94 -4.29
CA ILE F 10 0.85 -41.79 -5.41
C ILE F 10 2.03 -41.97 -6.35
N MET F 11 2.59 -43.18 -6.37
CA MET F 11 3.79 -43.48 -7.14
C MET F 11 3.55 -43.64 -8.66
N ASP F 12 2.37 -44.10 -9.05
CA ASP F 12 2.03 -44.16 -10.48
C ASP F 12 1.75 -42.78 -11.06
N GLU F 13 2.64 -42.32 -11.94
CA GLU F 13 2.57 -40.99 -12.54
C GLU F 13 1.18 -40.61 -13.04
N ARG F 14 0.61 -41.44 -13.90
CA ARG F 14 -0.70 -41.15 -14.49
C ARG F 14 -1.77 -41.05 -13.42
N ASN F 15 -1.82 -42.04 -12.55
CA ASN F 15 -2.80 -42.03 -11.47
C ASN F 15 -2.66 -40.77 -10.60
N ARG F 16 -1.42 -40.34 -10.35
CA ARG F 16 -1.16 -39.14 -9.56
C ARG F 16 -1.66 -37.86 -10.25
N GLN F 17 -1.54 -37.80 -11.57
CA GLN F 17 -1.98 -36.62 -12.30
C GLN F 17 -3.50 -36.51 -12.25
N VAL F 18 -4.16 -37.64 -12.46
CA VAL F 18 -5.63 -37.70 -12.42
C VAL F 18 -6.19 -37.26 -11.08
N THR F 19 -5.70 -37.89 -10.01
CA THR F 19 -6.12 -37.51 -8.67
C THR F 19 -5.94 -36.01 -8.44
N PHE F 20 -4.76 -35.49 -8.79
CA PHE F 20 -4.44 -34.08 -8.55
C PHE F 20 -5.44 -33.12 -9.18
N THR F 21 -5.74 -33.31 -10.46
CA THR F 21 -6.67 -32.43 -11.14
C THR F 21 -8.03 -32.43 -10.43
N LYS F 22 -8.52 -33.63 -10.10
CA LYS F 22 -9.79 -33.82 -9.41
C LYS F 22 -9.82 -33.15 -8.04
N ARG F 23 -8.91 -33.55 -7.16
CA ARG F 23 -8.86 -32.97 -5.82
C ARG F 23 -8.57 -31.47 -5.80
N LYS F 24 -7.81 -30.99 -6.79
CA LYS F 24 -7.53 -29.56 -6.89
C LYS F 24 -8.84 -28.83 -7.07
N PHE F 25 -9.67 -29.34 -7.96
CA PHE F 25 -10.96 -28.74 -8.22
C PHE F 25 -11.83 -28.78 -6.95
N GLY F 26 -11.88 -29.94 -6.28
CA GLY F 26 -12.62 -30.06 -5.03
C GLY F 26 -12.12 -29.14 -3.92
N LEU F 27 -10.81 -29.00 -3.83
CA LEU F 27 -10.21 -28.13 -2.84
C LEU F 27 -10.59 -26.67 -3.11
N MET F 28 -10.60 -26.28 -4.38
CA MET F 28 -11.00 -24.93 -4.72
C MET F 28 -12.49 -24.70 -4.51
N LYS F 29 -13.30 -25.70 -4.86
CA LYS F 29 -14.72 -25.59 -4.62
C LYS F 29 -14.96 -25.39 -3.13
N LYS F 30 -14.30 -26.19 -2.30
CA LYS F 30 -14.50 -26.09 -0.86
C LYS F 30 -14.09 -24.71 -0.35
N ALA F 31 -13.03 -24.14 -0.94
CA ALA F 31 -12.54 -22.81 -0.54
C ALA F 31 -13.57 -21.75 -0.88
N TYR F 32 -14.13 -21.86 -2.08
CA TYR F 32 -15.18 -20.96 -2.54
C TYR F 32 -16.39 -21.01 -1.61
N GLU F 33 -16.83 -22.21 -1.27
CA GLU F 33 -17.99 -22.38 -0.40
C GLU F 33 -17.76 -21.79 0.99
N LEU F 34 -16.57 -22.00 1.55
CA LEU F 34 -16.24 -21.38 2.84
C LEU F 34 -16.22 -19.86 2.79
N SER F 35 -15.66 -19.27 1.73
CA SER F 35 -15.60 -17.82 1.74
C SER F 35 -17.00 -17.18 1.58
N VAL F 36 -17.88 -17.82 0.82
CA VAL F 36 -19.25 -17.33 0.69
C VAL F 36 -20.07 -17.60 1.95
N LEU F 37 -20.06 -18.84 2.42
CA LEU F 37 -20.82 -19.20 3.63
C LEU F 37 -20.45 -18.35 4.84
N CYS F 38 -19.16 -18.10 5.02
CA CYS F 38 -18.68 -17.53 6.28
C CYS F 38 -18.09 -16.14 6.10
N ASP F 39 -18.32 -15.57 4.93
CA ASP F 39 -17.93 -14.20 4.64
C ASP F 39 -16.43 -14.00 4.90
N CYS F 40 -15.60 -14.89 4.36
CA CYS F 40 -14.16 -14.66 4.57
C CYS F 40 -13.29 -14.51 3.33
N GLU F 41 -12.05 -14.08 3.56
CA GLU F 41 -11.11 -13.85 2.46
C GLU F 41 -10.06 -14.92 2.45
N ILE F 42 -9.97 -15.63 1.34
CA ILE F 42 -9.17 -16.83 1.27
C ILE F 42 -8.24 -16.76 0.07
N ALA F 43 -7.02 -17.25 0.29
CA ALA F 43 -6.06 -17.40 -0.80
C ALA F 43 -5.45 -18.80 -0.72
N LEU F 44 -5.33 -19.44 -1.87
CA LEU F 44 -4.83 -20.81 -1.93
C LEU F 44 -3.78 -20.84 -3.02
N ILE F 45 -2.59 -21.30 -2.67
CA ILE F 45 -1.50 -21.39 -3.64
C ILE F 45 -1.01 -22.81 -3.76
N ILE F 46 -0.96 -23.30 -4.99
CA ILE F 46 -0.64 -24.70 -5.23
C ILE F 46 0.45 -24.86 -6.27
N PHE F 47 1.54 -25.49 -5.89
CA PHE F 47 2.55 -25.90 -6.85
C PHE F 47 2.54 -27.41 -6.95
N ASN F 48 2.24 -27.95 -8.14
CA ASN F 48 2.23 -29.39 -8.33
C ASN F 48 3.64 -29.99 -8.48
N SER F 49 3.67 -31.31 -8.66
CA SER F 49 4.90 -32.06 -8.76
C SER F 49 5.81 -31.56 -9.88
N SER F 50 5.22 -31.23 -11.03
CA SER F 50 6.02 -30.71 -12.15
C SER F 50 6.36 -29.23 -11.98
N ASN F 51 6.07 -28.69 -10.80
CA ASN F 51 6.35 -27.29 -10.47
C ASN F 51 5.55 -26.20 -11.18
N LYS F 52 4.28 -26.48 -11.50
CA LYS F 52 3.39 -25.46 -12.09
C LYS F 52 2.50 -24.82 -11.02
N LEU F 53 2.13 -23.56 -11.24
CA LEU F 53 1.34 -22.80 -10.29
C LEU F 53 -0.17 -22.86 -10.59
N PHE F 54 -0.94 -23.09 -9.54
CA PHE F 54 -2.39 -23.02 -9.60
C PHE F 54 -2.85 -22.21 -8.40
N GLN F 55 -3.78 -21.29 -8.62
CA GLN F 55 -4.18 -20.41 -7.53
C GLN F 55 -5.67 -20.10 -7.49
N TYR F 56 -6.15 -19.91 -6.27
CA TYR F 56 -7.48 -19.40 -6.05
C TYR F 56 -7.39 -18.25 -5.07
N ALA F 57 -8.26 -17.26 -5.23
CA ALA F 57 -8.44 -16.23 -4.22
C ALA F 57 -9.91 -15.81 -4.29
N SER F 58 -10.54 -15.59 -3.16
CA SER F 58 -11.98 -15.35 -3.21
C SER F 58 -12.30 -14.12 -4.08
N THR F 59 -11.47 -13.09 -3.99
CA THR F 59 -11.58 -11.90 -4.82
C THR F 59 -10.23 -11.51 -5.45
N ASP F 60 -9.23 -11.21 -4.62
CA ASP F 60 -7.92 -10.81 -5.12
C ASP F 60 -6.73 -11.40 -4.32
N MET F 61 -5.91 -12.19 -5.00
CA MET F 61 -4.76 -12.81 -4.34
C MET F 61 -3.89 -11.79 -3.62
N ASP F 62 -3.53 -10.70 -4.29
CA ASP F 62 -2.60 -9.74 -3.70
C ASP F 62 -3.14 -8.97 -2.50
N LYS F 63 -4.46 -8.77 -2.45
CA LYS F 63 -5.08 -8.11 -1.30
C LYS F 63 -4.97 -8.99 -0.05
N VAL F 64 -5.15 -10.29 -0.22
CA VAL F 64 -5.00 -11.19 0.91
C VAL F 64 -3.54 -11.26 1.38
N LEU F 65 -2.62 -11.43 0.44
CA LEU F 65 -1.21 -11.51 0.79
C LEU F 65 -0.76 -10.23 1.51
N LEU F 66 -1.20 -9.09 1.00
CA LEU F 66 -0.90 -7.80 1.62
C LEU F 66 -1.41 -7.79 3.05
N LYS F 67 -2.65 -8.21 3.24
CA LYS F 67 -3.21 -8.26 4.58
C LYS F 67 -2.46 -9.29 5.42
N TYR F 68 -2.00 -10.36 4.77
CA TYR F 68 -1.19 -11.35 5.47
C TYR F 68 0.11 -10.76 6.02
N THR F 69 0.83 -10.02 5.17
CA THR F 69 2.15 -9.53 5.57
C THR F 69 2.06 -8.51 6.70
N GLU F 70 0.96 -7.77 6.77
CA GLU F 70 0.80 -6.74 7.78
C GLU F 70 0.24 -7.25 9.11
N TYR F 71 -0.36 -8.44 9.08
CA TYR F 71 -0.93 -9.04 10.28
C TYR F 71 0.18 -9.39 11.26
N ASN F 72 0.05 -8.93 12.50
CA ASN F 72 1.07 -9.18 13.51
C ASN F 72 0.48 -9.56 14.86
N GLU F 73 0.00 -10.79 14.95
CA GLU F 73 -0.62 -11.26 16.18
C GLU F 73 -0.69 -12.76 16.12
N PRO F 74 -0.52 -13.43 17.26
CA PRO F 74 -0.53 -14.90 17.26
C PRO F 74 -1.72 -15.43 16.48
N HIS F 75 -1.51 -16.49 15.69
CA HIS F 75 -2.56 -17.08 14.90
C HIS F 75 -2.32 -18.56 14.69
N GLU F 76 -3.40 -19.30 14.46
CA GLU F 76 -3.29 -20.72 14.17
C GLU F 76 -2.46 -20.94 12.90
N SER F 77 -1.38 -21.70 13.02
CA SER F 77 -0.58 -22.10 11.87
C SER F 77 -0.46 -23.61 11.92
N ARG F 78 -0.80 -24.27 10.83
CA ARG F 78 -0.79 -25.71 10.81
C ARG F 78 0.04 -26.24 9.65
N THR F 79 0.80 -27.30 9.93
CA THR F 79 1.60 -27.98 8.92
C THR F 79 1.10 -29.40 8.86
N ASN F 80 1.57 -30.15 7.89
CA ASN F 80 1.22 -31.55 7.78
C ASN F 80 1.42 -32.28 9.10
N SER F 81 2.49 -31.94 9.83
CA SER F 81 2.73 -32.48 11.16
C SER F 81 1.56 -32.24 12.13
N ASP F 82 1.14 -30.98 12.27
CA ASP F 82 0.01 -30.63 13.13
C ASP F 82 -1.27 -31.40 12.77
N ILE F 83 -1.50 -31.57 11.46
CA ILE F 83 -2.76 -32.10 10.95
C ILE F 83 -2.86 -33.61 11.09
N VAL F 84 -1.74 -34.29 10.84
CA VAL F 84 -1.63 -35.72 11.09
C VAL F 84 -2.04 -36.05 12.53
N GLU F 85 -1.49 -35.31 13.48
CA GLU F 85 -1.72 -35.58 14.89
C GLU F 85 -3.18 -35.38 15.30
N ALA F 86 -3.80 -34.33 14.76
CA ALA F 86 -5.21 -34.08 15.01
C ALA F 86 -6.06 -35.20 14.39
N LEU F 87 -5.61 -35.73 13.26
CA LEU F 87 -6.32 -36.82 12.59
C LEU F 87 -6.17 -38.15 13.34
N ASN F 88 -5.04 -38.33 14.01
CA ASN F 88 -4.82 -39.54 14.81
C ASN F 88 -5.63 -39.51 16.10
N LYS F 89 -5.66 -38.36 16.77
CA LYS F 89 -6.52 -38.16 17.94
C LYS F 89 -7.91 -38.74 17.67
N LYS F 90 -8.45 -38.41 16.50
CA LYS F 90 -9.72 -38.97 16.04
C LYS F 90 -9.57 -40.45 15.65
N HIS M 1 21.56 -15.81 0.59
CA HIS M 1 21.74 -16.15 2.00
C HIS M 1 20.67 -15.46 2.86
N MET M 2 19.86 -14.61 2.24
CA MET M 2 18.77 -13.97 2.97
C MET M 2 17.53 -14.85 3.06
N SER M 3 16.80 -14.71 4.16
CA SER M 3 15.54 -15.43 4.36
C SER M 3 14.56 -15.18 3.21
N PRO M 4 13.76 -16.20 2.86
CA PRO M 4 12.74 -16.03 1.81
C PRO M 4 11.80 -14.86 2.06
N GLY M 5 11.57 -14.51 3.33
CA GLY M 5 10.79 -13.34 3.69
C GLY M 5 11.43 -12.03 3.23
N ASP M 6 12.69 -11.79 3.61
CA ASP M 6 13.43 -10.62 3.16
C ASP M 6 13.50 -10.56 1.63
N SER M 7 13.77 -11.72 1.04
CA SER M 7 13.92 -11.83 -0.38
C SER M 7 12.62 -11.50 -1.15
N ARG M 8 11.47 -11.84 -0.58
CA ARG M 8 10.21 -11.44 -1.21
C ARG M 8 9.99 -9.93 -1.11
N ARG M 9 10.33 -9.35 0.04
CA ARG M 9 10.22 -7.92 0.22
C ARG M 9 11.13 -7.14 -0.73
N LEU M 10 12.36 -7.61 -0.88
CA LEU M 10 13.27 -7.03 -1.85
C LEU M 10 12.69 -7.09 -3.27
N SER M 11 12.14 -8.24 -3.66
CA SER M 11 11.58 -8.38 -5.00
C SER M 11 10.46 -7.38 -5.25
N ILE M 12 9.59 -7.19 -4.26
CA ILE M 12 8.46 -6.26 -4.35
C ILE M 12 8.98 -4.81 -4.42
N GLN M 13 9.96 -4.51 -3.58
CA GLN M 13 10.61 -3.21 -3.60
C GLN M 13 11.18 -2.85 -4.99
N ARG M 14 11.76 -3.83 -5.67
CA ARG M 14 12.33 -3.60 -7.01
C ARG M 14 11.25 -3.42 -8.10
N CYS M 15 10.20 -4.22 -8.02
CA CYS M 15 9.07 -4.01 -8.90
C CYS M 15 8.50 -2.61 -8.73
N ILE M 16 8.37 -2.16 -7.48
CA ILE M 16 7.89 -0.81 -7.18
C ILE M 16 8.77 0.23 -7.85
N GLN M 17 10.08 0.19 -7.56
CA GLN M 17 11.05 1.07 -8.20
C GLN M 17 10.77 1.15 -9.69
N SER M 18 10.61 -0.01 -10.31
CA SER M 18 10.40 -0.07 -11.74
C SER M 18 9.13 0.67 -12.15
N LEU M 19 8.06 0.50 -11.38
CA LEU M 19 6.79 1.15 -11.67
C LEU M 19 6.85 2.67 -11.46
N VAL M 20 7.43 3.12 -10.36
CA VAL M 20 7.53 4.55 -10.15
C VAL M 20 8.37 5.25 -11.25
N HIS M 21 9.41 4.58 -11.77
CA HIS M 21 10.15 5.15 -12.91
C HIS M 21 9.28 5.26 -14.17
N ALA M 22 8.68 4.15 -14.59
CA ALA M 22 7.86 4.15 -15.80
C ALA M 22 6.69 5.14 -15.73
N CYS M 23 6.31 5.53 -14.52
CA CYS M 23 5.24 6.50 -14.31
C CYS M 23 5.66 7.94 -14.55
N GLN M 24 6.94 8.22 -14.40
CA GLN M 24 7.44 9.58 -14.55
C GLN M 24 8.38 9.74 -15.75
N CYS M 25 8.49 8.71 -16.58
CA CYS M 25 9.48 8.73 -17.64
C CYS M 25 8.92 9.32 -18.94
N ARG M 26 9.47 10.45 -19.36
CA ARG M 26 9.02 11.13 -20.57
C ARG M 26 9.97 10.87 -21.74
N ASN M 27 11.11 10.27 -21.42
CA ASN M 27 12.08 9.91 -22.43
C ASN M 27 11.61 8.71 -23.25
N ALA M 28 11.12 8.99 -24.46
CA ALA M 28 10.64 7.95 -25.35
C ALA M 28 11.74 6.95 -25.75
N ASN M 29 12.99 7.36 -25.67
CA ASN M 29 14.11 6.47 -25.96
C ASN M 29 14.87 5.98 -24.73
N CYS M 30 14.12 5.63 -23.69
CA CYS M 30 14.69 5.15 -22.45
C CYS M 30 15.40 3.82 -22.69
N SER M 31 16.53 3.61 -22.03
CA SER M 31 17.27 2.37 -22.21
C SER M 31 17.08 1.37 -21.07
N LEU M 32 16.19 1.67 -20.14
CA LEU M 32 15.96 0.77 -19.02
C LEU M 32 15.10 -0.43 -19.45
N PRO M 33 15.64 -1.65 -19.33
CA PRO M 33 14.99 -2.85 -19.85
C PRO M 33 13.49 -2.96 -19.54
N SER M 34 13.08 -2.63 -18.32
CA SER M 34 11.67 -2.81 -17.98
C SER M 34 10.75 -1.62 -18.35
N CYS M 35 11.34 -0.50 -18.73
CA CYS M 35 10.58 0.74 -18.93
C CYS M 35 9.46 0.60 -19.94
N GLN M 36 9.80 0.13 -21.13
CA GLN M 36 8.81 0.00 -22.19
C GLN M 36 7.60 -0.86 -21.83
N LYS M 37 7.84 -2.07 -21.30
CA LYS M 37 6.75 -2.95 -20.92
C LYS M 37 5.89 -2.27 -19.85
N MET M 38 6.55 -1.63 -18.90
CA MET M 38 5.85 -1.01 -17.80
C MET M 38 5.04 0.20 -18.25
N LYS M 39 5.61 1.06 -19.10
CA LYS M 39 4.83 2.19 -19.64
C LYS M 39 3.61 1.73 -20.43
N ARG M 40 3.72 0.58 -21.10
CA ARG M 40 2.59 -0.04 -21.79
C ARG M 40 1.50 -0.45 -20.81
N VAL M 41 1.89 -1.06 -19.70
CA VAL M 41 0.92 -1.47 -18.70
C VAL M 41 0.23 -0.24 -18.10
N VAL M 42 1.03 0.76 -17.74
CA VAL M 42 0.49 1.97 -17.15
C VAL M 42 -0.55 2.59 -18.06
N GLN M 43 -0.27 2.55 -19.36
CA GLN M 43 -1.16 3.12 -20.36
C GLN M 43 -2.47 2.36 -20.45
N HIS M 44 -2.71 1.48 -19.49
CA HIS M 44 -3.99 0.81 -19.36
C HIS M 44 -4.99 1.70 -18.67
N THR M 45 -4.73 3.01 -18.70
CA THR M 45 -5.69 3.99 -18.23
C THR M 45 -6.89 4.03 -19.18
N LYS M 46 -6.97 3.03 -20.07
CA LYS M 46 -8.11 2.88 -20.97
C LYS M 46 -9.38 2.43 -20.22
N GLY M 47 -9.21 2.08 -18.95
CA GLY M 47 -10.34 1.77 -18.08
C GLY M 47 -10.87 0.35 -18.19
N CYS M 48 -11.03 -0.12 -19.42
CA CYS M 48 -11.46 -1.48 -19.68
C CYS M 48 -12.82 -1.76 -19.04
N CYS M 56 -7.21 -7.72 -22.04
CA CYS M 56 -6.05 -6.86 -21.81
C CYS M 56 -5.33 -7.24 -20.51
N PRO M 57 -3.98 -7.09 -20.48
CA PRO M 57 -3.17 -7.33 -19.28
C PRO M 57 -3.78 -6.74 -18.00
N ILE M 58 -4.26 -7.64 -17.14
CA ILE M 58 -5.01 -7.29 -15.94
C ILE M 58 -4.48 -6.04 -15.20
N CYS M 59 -5.38 -5.11 -14.90
CA CYS M 59 -5.01 -3.91 -14.15
C CYS M 59 -4.87 -4.26 -12.69
N LYS M 60 -5.26 -5.48 -12.34
CA LYS M 60 -5.25 -5.94 -10.96
C LYS M 60 -3.82 -6.18 -10.49
N GLN M 61 -2.97 -6.63 -11.42
CA GLN M 61 -1.56 -6.83 -11.14
C GLN M 61 -0.95 -5.50 -10.74
N LEU M 62 -1.31 -4.46 -11.50
CA LEU M 62 -0.72 -3.15 -11.34
C LEU M 62 -1.13 -2.52 -10.02
N ILE M 63 -2.42 -2.60 -9.71
CA ILE M 63 -2.96 -2.08 -8.45
C ILE M 63 -2.37 -2.83 -7.26
N ALA M 64 -2.03 -4.10 -7.46
CA ALA M 64 -1.26 -4.84 -6.47
C ALA M 64 0.03 -4.09 -6.10
N LEU M 65 0.88 -3.83 -7.09
CA LEU M 65 2.11 -3.08 -6.83
C LEU M 65 1.85 -1.72 -6.21
N CYS M 66 0.92 -0.97 -6.80
CA CYS M 66 0.57 0.34 -6.26
C CYS M 66 0.19 0.28 -4.79
N CYS M 67 -0.60 -0.72 -4.43
CA CYS M 67 -0.95 -0.90 -3.03
C CYS M 67 0.30 -0.98 -2.17
N TYR M 68 1.21 -1.90 -2.49
CA TYR M 68 2.48 -1.99 -1.75
C TYR M 68 3.15 -0.61 -1.70
N HIS M 69 3.19 0.06 -2.85
CA HIS M 69 3.74 1.41 -2.91
C HIS M 69 2.99 2.40 -2.02
N ALA M 70 1.67 2.44 -2.17
CA ALA M 70 0.83 3.46 -1.52
C ALA M 70 1.03 3.52 -0.01
N LYS M 71 1.46 2.40 0.56
CA LYS M 71 1.71 2.34 1.99
C LYS M 71 2.57 3.50 2.46
N HIS M 72 3.31 4.12 1.53
CA HIS M 72 4.28 5.13 1.95
C HIS M 72 4.51 6.30 0.99
N CYS M 73 3.96 6.26 -0.22
CA CYS M 73 4.14 7.41 -1.10
C CYS M 73 3.42 8.60 -0.49
N GLN M 74 4.18 9.64 -0.18
CA GLN M 74 3.69 10.74 0.64
C GLN M 74 3.30 12.00 -0.13
N GLU M 75 3.98 12.28 -1.25
CA GLU M 75 3.64 13.45 -2.05
C GLU M 75 2.16 13.42 -2.43
N ASN M 76 1.47 14.52 -2.17
CA ASN M 76 0.05 14.63 -2.45
C ASN M 76 -0.25 14.42 -3.94
N LYS M 77 0.82 14.33 -4.74
CA LYS M 77 0.69 14.23 -6.19
C LYS M 77 1.54 13.11 -6.80
N CYS M 78 1.43 11.90 -6.28
CA CYS M 78 2.10 10.76 -6.91
C CYS M 78 1.51 10.57 -8.30
N PRO M 79 2.35 10.21 -9.28
CA PRO M 79 1.88 9.88 -10.63
C PRO M 79 1.63 8.39 -10.79
N VAL M 80 1.95 7.62 -9.75
CA VAL M 80 1.75 6.18 -9.81
C VAL M 80 0.28 5.82 -9.86
N PRO M 81 -0.13 5.10 -10.91
CA PRO M 81 -1.54 4.74 -11.06
C PRO M 81 -2.14 4.35 -9.72
N PHE M 82 -3.28 4.96 -9.38
CA PHE M 82 -4.07 4.54 -8.23
C PHE M 82 -3.53 4.93 -6.87
N CYS M 83 -2.29 5.40 -6.79
CA CYS M 83 -1.71 5.71 -5.48
C CYS M 83 -2.63 6.62 -4.67
N LEU M 84 -2.98 7.76 -5.24
CA LEU M 84 -3.83 8.74 -4.55
C LEU M 84 -5.17 8.12 -4.15
N ASN M 85 -5.69 7.26 -5.02
CA ASN M 85 -6.94 6.58 -4.78
C ASN M 85 -6.84 5.55 -3.64
N ILE M 86 -5.71 4.86 -3.57
CA ILE M 86 -5.48 3.83 -2.57
C ILE M 86 -5.24 4.48 -1.21
N LYS M 87 -4.54 5.60 -1.22
CA LYS M 87 -4.28 6.34 0.00
C LYS M 87 -5.60 6.80 0.61
N GLN M 88 -6.56 7.16 -0.24
CA GLN M 88 -7.88 7.60 0.21
C GLN M 88 -8.67 6.44 0.81
N LYS M 89 -8.61 5.28 0.16
CA LYS M 89 -9.30 4.10 0.64
C LYS M 89 -8.73 3.59 1.96
N LEU M 90 -7.43 3.77 2.15
CA LEU M 90 -6.77 3.43 3.42
C LEU M 90 -7.23 4.34 4.57
N ARG M 91 -7.50 5.61 4.27
CA ARG M 91 -8.05 6.52 5.27
C ARG M 91 -9.51 6.12 5.58
N GLN M 92 -10.22 5.75 4.53
CA GLN M 92 -11.61 5.37 4.65
C GLN M 92 -11.74 4.18 5.58
N GLN M 93 -10.87 3.18 5.34
CA GLN M 93 -10.78 1.96 6.14
C GLN M 93 -10.46 2.28 7.59
N GLN M 94 -9.52 3.19 7.81
CA GLN M 94 -9.17 3.63 9.15
C GLN M 94 -10.34 4.33 9.87
N LEU M 95 -11.15 5.06 9.10
CA LEU M 95 -12.35 5.68 9.65
C LEU M 95 -13.31 4.56 10.05
N GLN M 96 -13.44 3.57 9.19
CA GLN M 96 -14.39 2.49 9.43
C GLN M 96 -14.10 1.78 10.75
N HIS M 97 -12.83 1.49 11.01
CA HIS M 97 -12.46 0.87 12.29
C HIS M 97 -12.87 1.72 13.45
N ARG M 98 -12.61 3.01 13.35
CA ARG M 98 -12.99 3.93 14.40
C ARG M 98 -14.51 3.92 14.65
N LEU M 99 -15.29 3.87 13.58
CA LEU M 99 -16.74 3.87 13.69
C LEU M 99 -17.26 2.59 14.35
N GLN M 100 -16.71 1.45 13.95
CA GLN M 100 -17.09 0.16 14.53
C GLN M 100 -16.72 0.08 16.01
N GLN M 101 -15.59 0.68 16.36
CA GLN M 101 -15.18 0.72 17.76
C GLN M 101 -16.17 1.52 18.58
N ALA M 102 -16.48 2.74 18.13
CA ALA M 102 -17.34 3.63 18.90
C ALA M 102 -18.69 2.95 19.05
N GLN M 103 -19.14 2.35 17.96
CA GLN M 103 -20.43 1.67 17.94
C GLN M 103 -20.41 0.51 18.93
N MET M 104 -19.35 -0.26 18.88
CA MET M 104 -19.18 -1.33 19.86
C MET M 104 -19.33 -0.75 21.30
N LEU M 105 -18.62 0.32 21.62
CA LEU M 105 -18.63 0.87 22.98
C LEU M 105 -20.01 1.33 23.43
N ARG M 106 -20.76 1.98 22.54
CA ARG M 106 -22.12 2.42 22.88
C ARG M 106 -23.04 1.26 23.23
N ARG M 107 -22.79 0.10 22.64
CA ARG M 107 -23.64 -1.06 22.90
C ARG M 107 -23.20 -1.79 24.17
N ARG M 108 -21.90 -1.82 24.44
CA ARG M 108 -21.38 -2.31 25.70
C ARG M 108 -21.97 -1.48 26.82
N MET M 109 -22.07 -0.17 26.59
CA MET M 109 -22.63 0.75 27.57
C MET M 109 -24.11 0.52 27.72
N ALA M 110 -24.77 0.23 26.60
CA ALA M 110 -26.22 0.09 26.55
C ALA M 110 -26.65 -1.22 27.18
N SER M 111 -26.05 -2.32 26.74
CA SER M 111 -26.35 -3.63 27.31
C SER M 111 -25.93 -3.64 28.78
N MET M 112 -24.82 -2.95 29.05
CA MET M 112 -24.19 -2.96 30.37
C MET M 112 -23.93 -4.40 30.83
#